data_5MJK
#
_entry.id   5MJK
#
_cell.length_a   73.610
_cell.length_b   132.260
_cell.length_c   73.500
_cell.angle_alpha   90.000
_cell.angle_beta   112.620
_cell.angle_gamma   90.000
#
_symmetry.space_group_name_H-M   'P 1 21 1'
#
loop_
_entity.id
_entity.type
_entity.pdbx_description
1 polymer 'Thioredoxin reductase'
2 non-polymer 'FLAVIN-ADENINE DINUCLEOTIDE'
3 non-polymer 'SULFATE ION'
4 water water
#
_entity_poly.entity_id   1
_entity_poly.type   'polypeptide(L)'
_entity_poly.pdbx_seq_one_letter_code
;GSSHHHHHHSSGLVPRGSHMTEKKYDVVIIGSGPAGMTAAMYTARSEMKTLLLERGVPGGQMNNTAEIENYPGYETIMGP
ELSMKMAEPLEGLGVENAYGFVTGIEDHGDYKKIITEDDEFITKSIIIATGANHRKLEIPGEEEYGARGVSYCAVCDGAF
FRNQEILVIGGGDSAVEEALYLTRFGQSVTIMHRRDKLRAQEIIQQRAFKEEKINFIWDSVPMEIKGDDKKIQSVVYKNV
KTGEVTEKAFGGIFIYVGLDPVAEFVSDLGITDEAGWIITDDHMRTNIPGIFAVGDVRQKDFRQITTAVGDGAQAAQEAY
KFVVELG
;
_entity_poly.pdbx_strand_id   A,B,C,D
#
# COMPACT_ATOMS: atom_id res chain seq x y z
N LYS A 24 13.00 40.77 21.85
CA LYS A 24 13.40 40.63 20.43
C LYS A 24 12.75 39.37 19.88
N TYR A 25 13.39 38.22 20.04
CA TYR A 25 12.86 36.94 19.47
C TYR A 25 11.67 36.40 20.28
N ASP A 26 10.80 35.67 19.60
CA ASP A 26 9.82 34.88 20.30
C ASP A 26 10.45 33.62 20.84
N VAL A 27 11.42 33.06 20.10
CA VAL A 27 11.99 31.79 20.50
C VAL A 27 13.38 31.70 19.88
N VAL A 28 14.29 31.24 20.70
CA VAL A 28 15.63 30.95 20.26
C VAL A 28 15.84 29.47 20.53
N ILE A 29 16.24 28.74 19.48
CA ILE A 29 16.60 27.33 19.55
C ILE A 29 18.10 27.22 19.58
N ILE A 30 18.62 26.57 20.60
CA ILE A 30 20.05 26.51 20.71
C ILE A 30 20.44 25.12 20.25
N GLY A 31 21.09 25.02 19.09
CA GLY A 31 21.47 23.73 18.56
C GLY A 31 20.74 23.38 17.30
N SER A 32 21.49 23.04 16.27
CA SER A 32 20.96 22.74 14.97
C SER A 32 21.11 21.27 14.58
N GLY A 33 20.96 20.37 15.56
CA GLY A 33 20.77 18.93 15.27
C GLY A 33 19.32 18.71 14.85
N PRO A 34 18.91 17.46 14.59
CA PRO A 34 17.53 17.20 14.23
C PRO A 34 16.42 17.72 15.18
N ALA A 35 16.69 17.77 16.47
CA ALA A 35 15.71 18.16 17.43
C ALA A 35 15.48 19.66 17.25
N GLY A 36 16.55 20.43 17.13
CA GLY A 36 16.48 21.88 17.07
C GLY A 36 16.06 22.36 15.72
N MET A 37 16.47 21.61 14.68
CA MET A 37 16.02 21.93 13.31
C MET A 37 14.50 21.69 13.11
N THR A 38 13.99 20.62 13.70
CA THR A 38 12.56 20.34 13.65
C THR A 38 11.82 21.44 14.44
N ALA A 39 12.34 21.81 15.62
CA ALA A 39 11.68 22.81 16.47
C ALA A 39 11.59 24.13 15.76
N ALA A 40 12.71 24.52 15.15
CA ALA A 40 12.84 25.81 14.44
C ALA A 40 11.94 25.86 13.25
N MET A 41 11.91 24.75 12.51
CA MET A 41 10.99 24.61 11.39
C MET A 41 9.55 24.85 11.85
N TYR A 42 9.16 24.25 12.97
CA TYR A 42 7.81 24.42 13.51
C TYR A 42 7.45 25.82 14.01
N THR A 43 8.37 26.43 14.79
CA THR A 43 8.12 27.72 15.32
C THR A 43 8.05 28.74 14.19
N ALA A 44 8.98 28.66 13.23
CA ALA A 44 8.99 29.58 12.10
C ALA A 44 7.68 29.50 11.26
N ARG A 45 7.27 28.28 11.00
CA ARG A 45 6.05 28.05 10.26
C ARG A 45 4.85 28.58 11.01
N SER A 46 4.92 28.61 12.32
CA SER A 46 3.85 29.17 13.05
C SER A 46 4.01 30.71 13.21
N GLU A 47 4.89 31.33 12.44
CA GLU A 47 5.12 32.78 12.48
C GLU A 47 5.70 33.29 13.81
N MET A 48 6.42 32.44 14.56
CA MET A 48 7.10 32.94 15.76
C MET A 48 8.44 33.46 15.27
N LYS A 49 8.84 34.65 15.74
CA LYS A 49 10.16 35.21 15.40
C LYS A 49 11.20 34.29 15.99
N THR A 50 11.92 33.68 15.09
CA THR A 50 12.66 32.47 15.45
C THR A 50 14.11 32.63 15.11
N LEU A 51 14.95 32.36 16.11
CA LEU A 51 16.40 32.24 15.93
C LEU A 51 16.91 30.84 16.20
N LEU A 52 17.80 30.35 15.32
CA LEU A 52 18.50 29.09 15.53
C LEU A 52 20.00 29.38 15.57
N LEU A 53 20.60 29.12 16.73
CA LEU A 53 21.99 29.29 17.01
C LEU A 53 22.69 27.97 16.93
N GLU A 54 23.94 27.96 16.44
CA GLU A 54 24.71 26.74 16.26
C GLU A 54 26.19 27.13 16.16
N ARG A 55 27.02 26.44 16.95
CA ARG A 55 28.47 26.65 17.01
C ARG A 55 29.23 25.91 15.94
N GLY A 56 28.62 24.88 15.35
CA GLY A 56 29.33 23.98 14.47
C GLY A 56 28.68 23.82 13.13
N VAL A 57 28.37 22.59 12.77
CA VAL A 57 27.82 22.28 11.47
C VAL A 57 26.35 21.80 11.65
N PRO A 58 25.39 22.39 10.92
CA PRO A 58 24.03 21.89 11.02
C PRO A 58 23.88 20.38 10.78
N GLY A 59 23.13 19.70 11.62
CA GLY A 59 22.97 18.25 11.62
C GLY A 59 23.47 17.63 12.93
N GLY A 60 24.40 18.30 13.65
CA GLY A 60 24.97 17.73 14.89
C GLY A 60 25.51 16.30 14.70
N GLN A 61 25.11 15.36 15.55
CA GLN A 61 25.67 13.99 15.51
C GLN A 61 25.36 13.27 14.22
N MET A 62 24.36 13.70 13.49
CA MET A 62 24.10 13.10 12.14
C MET A 62 25.27 13.32 11.19
N ASN A 63 26.04 14.37 11.42
CA ASN A 63 27.22 14.58 10.60
C ASN A 63 28.37 13.62 10.80
N ASN A 64 28.38 12.89 11.93
CA ASN A 64 29.37 11.86 12.19
C ASN A 64 28.82 10.42 11.97
N THR A 65 27.72 10.34 11.22
CA THR A 65 26.98 9.10 10.99
C THR A 65 27.16 8.72 9.51
N ALA A 66 27.34 7.44 9.22
CA ALA A 66 27.26 7.00 7.84
C ALA A 66 25.82 6.65 7.50
N GLU A 67 25.53 5.40 7.18
CA GLU A 67 24.21 5.04 6.71
C GLU A 67 23.24 5.13 7.88
N ILE A 68 22.08 5.74 7.61
CA ILE A 68 21.00 5.76 8.56
C ILE A 68 19.90 4.99 7.91
N GLU A 69 19.41 3.97 8.62
CA GLU A 69 18.35 3.14 8.04
C GLU A 69 17.03 3.14 8.77
N ASN A 70 16.92 3.82 9.91
CA ASN A 70 15.75 3.82 10.71
C ASN A 70 15.09 5.20 10.92
N TYR A 71 15.23 6.09 9.95
CA TYR A 71 14.49 7.32 9.95
C TYR A 71 13.45 7.14 8.89
N PRO A 72 12.18 6.98 9.31
CA PRO A 72 11.05 6.78 8.43
C PRO A 72 10.97 7.82 7.31
N GLY A 73 10.84 7.37 6.08
CA GLY A 73 10.86 8.22 4.92
C GLY A 73 12.03 8.02 3.98
N TYR A 74 13.15 7.56 4.57
CA TYR A 74 14.33 7.09 3.88
C TYR A 74 14.70 5.64 4.22
N GLU A 75 14.73 4.78 3.22
CA GLU A 75 15.17 3.41 3.41
C GLU A 75 16.63 3.46 3.88
N THR A 76 17.38 4.30 3.20
CA THR A 76 18.74 4.56 3.61
C THR A 76 19.22 5.93 3.15
N ILE A 77 20.00 6.59 4.00
CA ILE A 77 20.49 7.91 3.70
C ILE A 77 21.67 8.15 4.59
N MET A 78 22.63 8.85 4.05
CA MET A 78 23.85 9.21 4.76
C MET A 78 23.64 10.38 5.71
N GLY A 79 24.21 10.25 6.88
CA GLY A 79 24.09 11.24 7.92
C GLY A 79 24.17 12.66 7.47
N PRO A 80 25.23 13.03 6.71
CA PRO A 80 25.38 14.43 6.29
C PRO A 80 24.31 14.84 5.26
N GLU A 81 23.82 13.87 4.51
CA GLU A 81 22.77 14.08 3.53
C GLU A 81 21.47 14.39 4.28
N LEU A 82 21.10 13.57 5.26
CA LEU A 82 19.95 13.92 6.07
C LEU A 82 20.05 15.33 6.71
N SER A 83 21.24 15.68 7.19
CA SER A 83 21.47 16.98 7.81
C SER A 83 21.10 18.08 6.85
N MET A 84 21.59 17.97 5.62
CA MET A 84 21.32 18.97 4.58
C MET A 84 19.84 19.08 4.23
N LYS A 85 19.14 17.93 4.14
CA LYS A 85 17.73 17.91 3.82
C LYS A 85 16.96 18.61 4.90
N MET A 86 17.33 18.41 6.14
CA MET A 86 16.63 19.07 7.24
C MET A 86 16.94 20.56 7.41
N ALA A 87 18.18 20.98 7.11
CA ALA A 87 18.57 22.37 7.17
C ALA A 87 18.04 23.19 6.02
N GLU A 88 17.94 22.56 4.86
CA GLU A 88 17.68 23.31 3.60
C GLU A 88 16.39 24.20 3.61
N PRO A 89 15.26 23.73 4.19
CA PRO A 89 14.06 24.55 4.18
C PRO A 89 13.95 25.69 5.16
N LEU A 90 14.85 25.74 6.11
CA LEU A 90 14.66 26.56 7.30
C LEU A 90 14.62 28.02 6.95
N GLU A 91 15.49 28.51 6.12
CA GLU A 91 15.48 29.97 5.81
C GLU A 91 14.22 30.42 5.01
N GLY A 92 13.82 29.63 4.03
CA GLY A 92 12.61 29.91 3.27
C GLY A 92 11.37 29.93 4.16
N LEU A 93 11.40 29.18 5.27
CA LEU A 93 10.36 29.26 6.31
C LEU A 93 10.50 30.39 7.29
N GLY A 94 11.62 31.11 7.30
CA GLY A 94 11.81 32.26 8.17
C GLY A 94 12.67 32.11 9.39
N VAL A 95 13.29 30.94 9.60
CA VAL A 95 14.26 30.75 10.68
C VAL A 95 15.43 31.68 10.35
N GLU A 96 15.86 32.49 11.31
CA GLU A 96 17.18 33.16 11.20
C GLU A 96 18.24 32.23 11.83
N ASN A 97 19.19 31.78 11.00
CA ASN A 97 20.35 31.02 11.45
C ASN A 97 21.38 32.02 11.84
N ALA A 98 22.08 31.75 12.94
CA ALA A 98 23.17 32.60 13.34
C ALA A 98 24.19 31.75 14.04
N TYR A 99 25.47 32.13 13.88
CA TYR A 99 26.55 31.52 14.62
C TYR A 99 26.48 31.93 16.07
N GLY A 100 26.60 30.98 16.97
CA GLY A 100 26.75 31.29 18.37
C GLY A 100 27.22 30.07 19.10
N PHE A 101 28.26 30.24 19.92
CA PHE A 101 28.68 29.23 20.96
C PHE A 101 28.05 29.75 22.22
N VAL A 102 26.95 29.14 22.63
CA VAL A 102 26.26 29.62 23.82
C VAL A 102 26.98 29.23 25.08
N THR A 103 27.22 30.21 25.96
CA THR A 103 27.91 30.04 27.26
C THR A 103 27.06 30.28 28.49
N GLY A 104 25.95 31.01 28.37
CA GLY A 104 25.05 31.23 29.47
C GLY A 104 23.66 31.65 29.06
N ILE A 105 22.73 31.55 30.00
CA ILE A 105 21.33 31.99 29.86
C ILE A 105 20.93 32.73 31.14
N GLU A 106 20.31 33.89 31.03
CA GLU A 106 19.75 34.53 32.22
C GLU A 106 18.26 34.60 31.99
N ASP A 107 17.48 34.18 32.98
CA ASP A 107 16.05 34.42 33.01
C ASP A 107 15.75 35.76 33.66
N HIS A 108 14.95 36.58 32.99
CA HIS A 108 14.47 37.84 33.55
C HIS A 108 12.94 37.87 33.59
N GLY A 109 12.30 36.72 33.72
CA GLY A 109 10.83 36.65 33.87
C GLY A 109 10.04 36.80 32.57
N ASP A 110 9.88 38.05 32.12
CA ASP A 110 9.28 38.35 30.79
C ASP A 110 10.19 37.94 29.62
N TYR A 111 11.49 37.95 29.82
CA TYR A 111 12.41 37.62 28.72
C TYR A 111 13.57 36.86 29.30
N LYS A 112 14.34 36.26 28.43
CA LYS A 112 15.54 35.59 28.87
C LYS A 112 16.69 36.15 28.04
N LYS A 113 17.90 36.13 28.58
CA LYS A 113 19.08 36.56 27.83
C LYS A 113 19.99 35.38 27.53
N ILE A 114 20.39 35.24 26.28
CA ILE A 114 21.36 34.19 25.94
C ILE A 114 22.67 34.86 25.62
N ILE A 115 23.72 34.34 26.24
CA ILE A 115 25.03 34.90 26.21
C ILE A 115 25.80 33.91 25.36
N THR A 116 26.43 34.41 24.30
CA THR A 116 27.40 33.66 23.52
C THR A 116 28.78 34.29 23.70
N GLU A 117 29.81 33.64 23.19
CA GLU A 117 31.16 34.12 23.44
C GLU A 117 31.37 35.59 23.06
N ASP A 118 30.68 36.06 22.00
CA ASP A 118 30.82 37.45 21.52
C ASP A 118 29.50 38.18 21.32
N ASP A 119 28.42 37.70 21.90
CA ASP A 119 27.15 38.34 21.68
C ASP A 119 26.13 38.00 22.75
N GLU A 120 24.98 38.71 22.70
CA GLU A 120 23.82 38.48 23.57
C GLU A 120 22.51 38.58 22.75
N PHE A 121 21.52 37.77 23.09
CA PHE A 121 20.21 37.77 22.42
C PHE A 121 19.08 37.80 23.45
N ILE A 122 17.99 38.47 23.10
CA ILE A 122 16.86 38.59 23.94
C ILE A 122 15.76 37.81 23.33
N THR A 123 15.03 37.09 24.15
CA THR A 123 14.00 36.24 23.65
C THR A 123 12.94 36.00 24.69
N LYS A 124 11.71 35.77 24.24
CA LYS A 124 10.63 35.39 25.12
C LYS A 124 10.76 33.92 25.57
N SER A 125 11.35 33.08 24.72
CA SER A 125 11.47 31.66 25.02
C SER A 125 12.70 30.96 24.45
N ILE A 126 13.04 29.80 25.01
CA ILE A 126 14.27 29.15 24.62
C ILE A 126 14.00 27.68 24.51
N ILE A 127 14.43 27.06 23.41
CA ILE A 127 14.38 25.59 23.27
C ILE A 127 15.80 25.11 23.22
N ILE A 128 16.27 24.39 24.24
CA ILE A 128 17.66 23.93 24.31
C ILE A 128 17.74 22.59 23.54
N ALA A 129 18.64 22.51 22.54
CA ALA A 129 18.70 21.32 21.70
C ALA A 129 20.14 20.92 21.42
N THR A 130 20.93 20.86 22.50
CA THR A 130 22.38 20.84 22.38
C THR A 130 23.03 19.46 22.41
N GLY A 131 22.24 18.41 22.58
CA GLY A 131 22.69 17.05 22.29
C GLY A 131 23.51 16.40 23.35
N ALA A 132 24.31 15.44 22.93
CA ALA A 132 25.13 14.60 23.83
C ALA A 132 26.40 14.28 23.08
N ASN A 133 27.40 13.82 23.83
CA ASN A 133 28.66 13.40 23.26
C ASN A 133 29.02 11.98 23.69
N HIS A 134 29.21 11.08 22.73
CA HIS A 134 29.77 9.75 22.98
C HIS A 134 31.28 9.87 23.07
N ARG A 135 31.82 9.53 24.23
CA ARG A 135 33.28 9.61 24.42
C ARG A 135 33.95 8.60 23.53
N LYS A 136 35.09 8.98 22.95
CA LYS A 136 35.82 8.10 22.05
C LYS A 136 36.92 7.35 22.78
N LEU A 137 37.44 6.31 22.13
CA LEU A 137 38.61 5.55 22.61
C LEU A 137 39.90 6.32 22.34
N GLU A 138 39.96 7.01 21.19
CA GLU A 138 41.17 7.71 20.73
C GLU A 138 42.36 6.72 20.51
N ILE A 139 42.13 5.72 19.66
CA ILE A 139 43.15 4.78 19.29
C ILE A 139 43.17 4.58 17.78
N PRO A 140 44.35 4.23 17.22
CA PRO A 140 44.43 4.14 15.77
C PRO A 140 43.45 3.13 15.28
N GLY A 141 42.76 3.49 14.19
CA GLY A 141 41.70 2.68 13.62
C GLY A 141 40.27 3.12 13.95
N GLU A 142 40.07 3.81 15.08
CA GLU A 142 38.73 4.21 15.48
C GLU A 142 38.04 5.07 14.43
N GLU A 143 38.75 6.09 13.94
CA GLU A 143 38.19 6.97 12.92
C GLU A 143 38.16 6.28 11.56
N GLU A 144 39.24 5.64 11.19
CA GLU A 144 39.33 4.99 9.88
C GLU A 144 38.21 4.02 9.58
N TYR A 145 37.73 3.33 10.61
CA TYR A 145 36.65 2.36 10.45
C TYR A 145 35.36 2.82 11.15
N GLY A 146 35.22 4.12 11.39
CA GLY A 146 33.91 4.68 11.75
C GLY A 146 32.88 4.33 10.69
N ALA A 147 31.80 3.66 11.09
CA ALA A 147 30.81 3.05 10.16
C ALA A 147 31.36 2.00 9.19
N ARG A 148 32.52 1.45 9.49
CA ARG A 148 33.04 0.35 8.71
C ARG A 148 33.39 -0.75 9.72
N GLY A 149 32.65 -0.74 10.82
CA GLY A 149 32.85 -1.67 11.88
C GLY A 149 32.93 -1.03 13.24
N VAL A 150 33.18 0.29 13.30
CA VAL A 150 33.20 0.98 14.59
C VAL A 150 31.90 1.71 14.88
N SER A 151 31.30 1.46 16.06
CA SER A 151 29.99 1.99 16.36
C SER A 151 29.82 2.36 17.81
N TYR A 152 28.88 3.25 18.02
CA TYR A 152 28.59 3.71 19.36
C TYR A 152 27.13 3.47 19.71
N CYS A 153 26.39 2.74 18.88
CA CYS A 153 24.93 2.61 19.06
C CYS A 153 24.39 1.33 18.43
N ALA A 154 24.02 0.36 19.25
CA ALA A 154 23.56 -0.96 18.76
C ALA A 154 22.19 -0.94 18.08
N VAL A 155 21.22 -0.22 18.63
CA VAL A 155 19.93 -0.08 17.95
C VAL A 155 20.17 0.57 16.55
N CYS A 156 21.13 1.49 16.47
CA CYS A 156 21.45 2.15 15.20
C CYS A 156 22.11 1.22 14.23
N ASP A 157 23.09 0.41 14.68
CA ASP A 157 24.00 -0.32 13.77
C ASP A 157 24.14 -1.81 13.86
N GLY A 158 23.63 -2.39 14.94
CA GLY A 158 23.83 -3.81 15.22
C GLY A 158 23.39 -4.66 14.06
N ALA A 159 22.27 -4.26 13.44
CA ALA A 159 21.71 -5.00 12.30
C ALA A 159 22.74 -5.33 11.21
N PHE A 160 23.75 -4.49 11.05
CA PHE A 160 24.83 -4.74 10.11
C PHE A 160 25.86 -5.85 10.45
N PHE A 161 25.74 -6.56 11.58
CA PHE A 161 26.73 -7.56 11.98
C PHE A 161 26.18 -8.94 12.29
N ARG A 162 25.14 -9.36 11.57
CA ARG A 162 24.56 -10.69 11.83
C ARG A 162 25.62 -11.78 11.73
N ASN A 163 25.64 -12.66 12.72
CA ASN A 163 26.54 -13.82 12.76
C ASN A 163 28.03 -13.51 12.89
N GLN A 164 28.38 -12.25 13.15
CA GLN A 164 29.77 -11.83 13.29
C GLN A 164 30.27 -11.88 14.75
N GLU A 165 31.60 -11.85 14.91
CA GLU A 165 32.25 -11.77 16.22
C GLU A 165 32.22 -10.33 16.59
N ILE A 166 31.49 -9.99 17.64
CA ILE A 166 31.32 -8.58 17.96
C ILE A 166 32.01 -8.30 19.29
N LEU A 167 32.72 -7.18 19.34
CA LEU A 167 33.41 -6.72 20.53
C LEU A 167 32.71 -5.46 21.03
N VAL A 168 32.47 -5.42 22.32
CA VAL A 168 31.88 -4.29 23.03
C VAL A 168 32.87 -3.81 24.08
N ILE A 169 33.13 -2.50 24.09
CA ILE A 169 34.02 -1.91 25.07
C ILE A 169 33.20 -1.20 26.12
N GLY A 170 33.50 -1.48 27.37
CA GLY A 170 32.92 -0.74 28.50
C GLY A 170 32.37 -1.73 29.51
N GLY A 171 32.12 -1.25 30.73
CA GLY A 171 31.62 -2.10 31.83
C GLY A 171 30.35 -1.65 32.56
N GLY A 172 29.73 -0.57 32.13
CA GLY A 172 28.53 -0.08 32.78
C GLY A 172 27.25 -0.66 32.21
N ASP A 173 26.12 -0.11 32.66
CA ASP A 173 24.77 -0.55 32.24
C ASP A 173 24.61 -0.52 30.71
N SER A 174 25.19 0.48 30.10
CA SER A 174 25.07 0.69 28.67
C SER A 174 25.84 -0.36 27.84
N ALA A 175 27.12 -0.56 28.17
CA ALA A 175 27.90 -1.61 27.51
C ALA A 175 27.19 -2.97 27.54
N VAL A 176 26.77 -3.33 28.73
CA VAL A 176 26.27 -4.68 28.99
C VAL A 176 24.86 -4.88 28.40
N GLU A 177 24.02 -3.85 28.47
CA GLU A 177 22.70 -3.92 27.85
C GLU A 177 22.81 -3.93 26.33
N GLU A 178 23.68 -3.13 25.78
CA GLU A 178 23.91 -3.18 24.32
C GLU A 178 24.55 -4.51 23.87
N ALA A 179 25.44 -5.04 24.70
CA ALA A 179 26.04 -6.35 24.43
C ALA A 179 24.94 -7.40 24.32
N LEU A 180 24.05 -7.39 25.30
CA LEU A 180 22.88 -8.27 25.34
C LEU A 180 22.05 -8.12 24.05
N TYR A 181 21.72 -6.89 23.74
CA TYR A 181 21.02 -6.58 22.50
C TYR A 181 21.72 -7.14 21.25
N LEU A 182 23.05 -6.99 21.21
CA LEU A 182 23.84 -7.39 20.05
C LEU A 182 23.94 -8.87 19.84
N THR A 183 23.69 -9.65 20.88
CA THR A 183 23.73 -11.10 20.77
C THR A 183 22.61 -11.60 19.88
N ARG A 184 21.71 -10.70 19.54
CA ARG A 184 20.64 -11.03 18.64
C ARG A 184 21.09 -10.93 17.19
N PHE A 185 22.29 -10.44 16.95
CA PHE A 185 22.81 -10.38 15.60
C PHE A 185 24.08 -11.22 15.49
N GLY A 186 25.06 -10.93 16.33
CA GLY A 186 26.35 -11.63 16.30
C GLY A 186 26.30 -13.09 16.69
N GLN A 187 27.31 -13.83 16.21
CA GLN A 187 27.54 -15.21 16.65
C GLN A 187 27.95 -15.15 18.10
N SER A 188 28.81 -14.17 18.43
CA SER A 188 29.25 -13.98 19.80
C SER A 188 29.57 -12.52 20.06
N VAL A 189 29.53 -12.16 21.34
CA VAL A 189 29.76 -10.80 21.76
C VAL A 189 30.72 -10.85 22.91
N THR A 190 31.87 -10.21 22.75
CA THR A 190 32.85 -10.11 23.80
C THR A 190 32.83 -8.73 24.44
N ILE A 191 32.64 -8.68 25.78
CA ILE A 191 32.76 -7.45 26.55
C ILE A 191 34.20 -7.36 27.08
N MET A 192 34.88 -6.29 26.73
CA MET A 192 36.21 -6.00 27.20
C MET A 192 36.14 -4.80 28.14
N HIS A 193 36.42 -5.03 29.43
CA HIS A 193 36.46 -3.93 30.41
C HIS A 193 37.84 -3.80 31.08
N ARG A 194 38.19 -2.55 31.38
CA ARG A 194 39.50 -2.15 31.85
C ARG A 194 39.78 -2.66 33.28
N ARG A 195 38.72 -2.96 34.03
CA ARG A 195 38.83 -3.42 35.40
C ARG A 195 38.38 -4.90 35.52
N ASP A 196 38.44 -5.44 36.74
CA ASP A 196 38.31 -6.90 36.93
C ASP A 196 36.87 -7.34 37.22
N LYS A 197 35.98 -6.35 37.27
CA LYS A 197 34.54 -6.60 37.41
C LYS A 197 33.77 -5.38 36.90
N LEU A 198 32.46 -5.54 36.80
CA LEU A 198 31.61 -4.56 36.10
C LEU A 198 30.99 -3.48 36.99
N ARG A 199 30.69 -2.33 36.41
CA ARG A 199 29.97 -1.25 37.11
C ARG A 199 28.45 -1.32 36.91
N ALA A 200 27.98 -2.20 36.02
CA ALA A 200 26.56 -2.25 35.67
C ALA A 200 25.72 -2.78 36.81
N GLN A 201 24.44 -2.47 36.77
CA GLN A 201 23.53 -2.96 37.78
C GLN A 201 23.58 -4.47 37.85
N GLU A 202 23.39 -4.96 39.06
CA GLU A 202 23.39 -6.38 39.35
C GLU A 202 22.42 -7.20 38.47
N ILE A 203 21.23 -6.66 38.21
CA ILE A 203 20.23 -7.36 37.39
C ILE A 203 20.73 -7.50 35.97
N ILE A 204 21.32 -6.43 35.45
CA ILE A 204 21.86 -6.43 34.09
C ILE A 204 23.03 -7.42 34.05
N GLN A 205 23.84 -7.45 35.11
CA GLN A 205 25.01 -8.31 35.14
C GLN A 205 24.58 -9.78 35.10
N GLN A 206 23.61 -10.12 35.93
CA GLN A 206 23.08 -11.47 35.97
C GLN A 206 22.61 -11.91 34.60
N ARG A 207 22.02 -11.00 33.84
CA ARG A 207 21.54 -11.31 32.48
C ARG A 207 22.69 -11.60 31.52
N ALA A 208 23.77 -10.83 31.67
CA ALA A 208 24.99 -11.03 30.89
C ALA A 208 25.55 -12.41 31.23
N PHE A 209 25.73 -12.68 32.52
CA PHE A 209 26.36 -13.95 32.95
C PHE A 209 25.57 -15.16 32.44
N LYS A 210 24.25 -15.05 32.38
CA LYS A 210 23.45 -16.18 31.95
C LYS A 210 23.40 -16.37 30.42
N GLU A 211 23.81 -15.35 29.67
CA GLU A 211 23.76 -15.40 28.21
C GLU A 211 25.07 -15.94 27.63
N GLU A 212 25.02 -17.10 26.97
CA GLU A 212 26.24 -17.83 26.60
C GLU A 212 26.99 -17.19 25.45
N LYS A 213 26.29 -16.46 24.61
CA LYS A 213 26.97 -15.78 23.51
C LYS A 213 27.80 -14.60 23.96
N ILE A 214 27.72 -14.26 25.26
CA ILE A 214 28.62 -13.28 25.86
C ILE A 214 29.81 -13.99 26.51
N ASN A 215 31.02 -13.44 26.28
CA ASN A 215 32.20 -13.71 27.12
C ASN A 215 32.89 -12.38 27.41
N PHE A 216 33.84 -12.43 28.34
CA PHE A 216 34.51 -11.25 28.88
C PHE A 216 36.00 -11.29 28.69
N ILE A 217 36.58 -10.11 28.51
CA ILE A 217 38.01 -9.90 28.56
C ILE A 217 38.20 -8.85 29.64
N TRP A 218 38.95 -9.17 30.70
CA TRP A 218 39.09 -8.28 31.86
C TRP A 218 40.37 -7.47 31.87
N ASP A 219 40.41 -6.43 32.70
CA ASP A 219 41.65 -5.72 32.96
C ASP A 219 42.39 -5.40 31.67
N SER A 220 41.61 -5.10 30.62
CA SER A 220 42.12 -4.86 29.28
C SER A 220 41.43 -3.68 28.65
N VAL A 221 42.18 -3.03 27.76
CA VAL A 221 41.71 -1.94 26.93
C VAL A 221 42.18 -2.21 25.50
N PRO A 222 41.38 -1.77 24.53
CA PRO A 222 41.81 -1.82 23.15
C PRO A 222 42.99 -0.88 22.91
N MET A 223 43.86 -1.26 21.97
CA MET A 223 45.01 -0.46 21.52
C MET A 223 44.90 -0.06 20.08
N GLU A 224 44.37 -0.92 19.24
CA GLU A 224 44.31 -0.58 17.84
C GLU A 224 43.21 -1.43 17.23
N ILE A 225 42.46 -0.81 16.34
CA ILE A 225 41.45 -1.46 15.55
C ILE A 225 42.08 -1.60 14.17
N LYS A 226 42.12 -2.83 13.66
CA LYS A 226 42.75 -3.07 12.38
C LYS A 226 41.85 -3.74 11.39
N GLY A 227 42.12 -3.49 10.10
CA GLY A 227 41.46 -4.20 9.02
C GLY A 227 42.13 -3.97 7.67
N ASP A 228 41.31 -4.00 6.61
CA ASP A 228 41.75 -3.76 5.24
C ASP A 228 41.36 -2.33 4.83
N ASP A 229 41.18 -2.10 3.54
CA ASP A 229 40.64 -0.80 3.10
C ASP A 229 39.13 -0.63 3.34
N LYS A 230 38.36 -1.74 3.44
CA LYS A 230 36.87 -1.70 3.56
C LYS A 230 36.32 -1.86 4.98
N LYS A 231 36.85 -2.84 5.72
CA LYS A 231 36.28 -3.24 7.01
C LYS A 231 37.34 -3.74 8.05
N ILE A 232 36.87 -3.78 9.29
CA ILE A 232 37.60 -4.26 10.45
C ILE A 232 37.82 -5.77 10.40
N GLN A 233 39.02 -6.18 10.75
CA GLN A 233 39.32 -7.60 10.82
C GLN A 233 39.83 -7.96 12.21
N SER A 234 40.48 -7.02 12.87
CA SER A 234 40.97 -7.33 14.20
C SER A 234 41.12 -6.15 15.12
N VAL A 235 41.26 -6.45 16.40
CA VAL A 235 41.55 -5.47 17.42
C VAL A 235 42.74 -5.95 18.23
N VAL A 236 43.74 -5.08 18.40
CA VAL A 236 44.84 -5.30 19.31
C VAL A 236 44.46 -4.68 20.65
N TYR A 237 44.76 -5.37 21.75
CA TYR A 237 44.47 -4.87 23.06
C TYR A 237 45.49 -5.30 24.10
N LYS A 238 45.42 -4.62 25.24
CA LYS A 238 46.47 -4.70 26.25
C LYS A 238 45.84 -4.92 27.61
N ASN A 239 46.42 -5.84 28.37
CA ASN A 239 46.10 -6.03 29.78
C ASN A 239 46.80 -4.96 30.58
N VAL A 240 46.01 -4.11 31.22
CA VAL A 240 46.56 -2.91 31.88
C VAL A 240 47.37 -3.28 33.09
N LYS A 241 47.06 -4.42 33.70
CA LYS A 241 47.90 -4.90 34.75
C LYS A 241 49.18 -5.48 34.15
N THR A 242 49.06 -6.52 33.34
CA THR A 242 50.24 -7.28 32.96
C THR A 242 51.10 -6.67 31.85
N GLY A 243 50.53 -5.77 31.04
CA GLY A 243 51.23 -5.24 29.85
C GLY A 243 51.11 -6.12 28.62
N GLU A 244 50.48 -7.27 28.78
CA GLU A 244 50.44 -8.29 27.76
C GLU A 244 49.46 -7.92 26.67
N VAL A 245 49.95 -7.98 25.45
CA VAL A 245 49.24 -7.52 24.27
C VAL A 245 48.62 -8.76 23.59
N THR A 246 47.51 -8.55 22.87
CA THR A 246 46.84 -9.60 22.12
C THR A 246 46.21 -9.02 20.85
N GLU A 247 46.25 -9.78 19.76
CA GLU A 247 45.38 -9.51 18.63
C GLU A 247 44.37 -10.65 18.48
N LYS A 248 43.11 -10.29 18.28
CA LYS A 248 42.03 -11.24 17.98
C LYS A 248 41.23 -10.71 16.83
N ALA A 249 40.59 -11.62 16.12
CA ALA A 249 39.69 -11.27 15.02
C ALA A 249 38.34 -10.80 15.58
N PHE A 250 37.88 -9.69 15.08
CA PHE A 250 36.52 -9.21 15.35
C PHE A 250 36.02 -8.58 14.05
N GLY A 251 34.71 -8.63 13.82
CA GLY A 251 34.07 -8.00 12.64
C GLY A 251 33.48 -6.65 12.93
N GLY A 252 33.27 -6.34 14.22
CA GLY A 252 32.69 -5.04 14.58
C GLY A 252 33.01 -4.72 16.02
N ILE A 253 33.08 -3.44 16.35
CA ILE A 253 33.38 -2.99 17.72
C ILE A 253 32.38 -1.93 18.15
N PHE A 254 31.80 -2.07 19.36
CA PHE A 254 30.81 -1.11 19.86
C PHE A 254 31.32 -0.52 21.19
N ILE A 255 31.39 0.80 21.24
CA ILE A 255 32.12 1.52 22.27
C ILE A 255 31.17 2.26 23.23
N TYR A 256 31.39 2.04 24.51
CA TYR A 256 30.59 2.59 25.59
C TYR A 256 31.48 2.97 26.75
N VAL A 257 32.30 3.97 26.53
CA VAL A 257 33.21 4.43 27.55
C VAL A 257 32.73 5.78 28.01
N GLY A 258 31.43 6.03 27.86
CA GLY A 258 30.82 7.20 28.48
C GLY A 258 30.03 8.01 27.48
N LEU A 259 28.93 8.58 27.98
CA LEU A 259 28.02 9.41 27.19
C LEU A 259 27.74 10.61 28.06
N ASP A 260 27.99 11.81 27.54
CA ASP A 260 27.80 13.07 28.33
C ASP A 260 26.80 14.00 27.68
N PRO A 261 26.04 14.73 28.50
CA PRO A 261 25.23 15.78 27.96
C PRO A 261 26.13 16.91 27.49
N VAL A 262 25.69 17.63 26.48
CA VAL A 262 26.40 18.84 26.08
C VAL A 262 25.54 20.03 26.51
N ALA A 263 25.71 20.48 27.76
CA ALA A 263 24.87 21.52 28.33
C ALA A 263 25.58 22.33 29.41
N GLU A 264 26.83 22.64 29.19
CA GLU A 264 27.63 23.35 30.21
C GLU A 264 26.99 24.71 30.61
N PHE A 265 26.40 25.36 29.62
CA PHE A 265 25.72 26.66 29.77
C PHE A 265 24.40 26.67 30.58
N VAL A 266 23.96 25.53 31.10
CA VAL A 266 22.83 25.54 32.05
C VAL A 266 23.17 25.04 33.49
N SER A 267 24.42 24.69 33.75
CA SER A 267 24.79 23.99 34.96
C SER A 267 24.33 24.63 36.27
N ASP A 268 24.20 25.96 36.27
CA ASP A 268 23.73 26.66 37.45
C ASP A 268 22.26 27.01 37.49
N LEU A 269 21.49 26.63 36.47
CA LEU A 269 20.11 27.05 36.40
C LEU A 269 19.13 26.19 37.19
N GLY A 270 19.56 25.02 37.70
CA GLY A 270 18.69 24.14 38.51
C GLY A 270 17.76 23.24 37.72
N ILE A 271 18.11 22.94 36.47
CA ILE A 271 17.20 22.21 35.56
C ILE A 271 17.78 20.86 35.15
N THR A 272 18.94 20.52 35.72
CA THR A 272 19.66 19.30 35.40
C THR A 272 19.70 18.26 36.49
N ASP A 273 19.91 17.00 36.10
CA ASP A 273 20.10 15.90 37.03
C ASP A 273 21.58 15.73 37.43
N GLU A 274 21.83 14.64 38.16
CA GLU A 274 23.13 14.31 38.69
C GLU A 274 24.23 14.43 37.66
N ALA A 275 24.08 13.69 36.56
CA ALA A 275 25.05 13.66 35.47
C ALA A 275 24.97 14.88 34.56
N GLY A 276 24.05 15.79 34.83
CA GLY A 276 23.92 17.01 34.04
C GLY A 276 22.98 16.93 32.83
N TRP A 277 22.13 15.90 32.76
CA TRP A 277 21.06 15.86 31.76
C TRP A 277 19.98 16.86 32.16
N ILE A 278 19.34 17.48 31.17
CA ILE A 278 18.25 18.40 31.43
C ILE A 278 16.98 17.63 31.65
N ILE A 279 16.32 17.92 32.78
CA ILE A 279 15.06 17.30 33.15
C ILE A 279 13.93 18.09 32.54
N THR A 280 13.02 17.43 31.88
CA THR A 280 11.82 18.08 31.39
C THR A 280 10.67 17.21 31.70
N ASP A 281 9.46 17.75 31.62
CA ASP A 281 8.26 16.92 31.68
C ASP A 281 8.03 16.31 30.27
N ASP A 282 6.93 15.61 30.09
CA ASP A 282 6.53 15.06 28.77
C ASP A 282 6.19 16.13 27.69
N HIS A 283 6.02 17.39 28.09
CA HIS A 283 5.84 18.47 27.11
C HIS A 283 7.17 19.23 26.86
N MET A 284 8.29 18.61 27.24
CA MET A 284 9.62 19.22 27.03
C MET A 284 9.88 20.44 27.86
N ARG A 285 9.09 20.64 28.92
CA ARG A 285 9.20 21.82 29.77
C ARG A 285 10.23 21.59 30.86
N THR A 286 11.16 22.53 31.00
CA THR A 286 12.02 22.50 32.19
C THR A 286 11.28 23.17 33.32
N ASN A 287 11.85 23.11 34.53
CA ASN A 287 11.21 23.78 35.66
C ASN A 287 11.30 25.32 35.57
N ILE A 288 11.89 25.84 34.50
CA ILE A 288 11.88 27.29 34.28
C ILE A 288 10.93 27.64 33.17
N PRO A 289 9.92 28.50 33.47
CA PRO A 289 8.94 28.85 32.46
C PRO A 289 9.56 29.49 31.22
N GLY A 290 9.11 29.07 30.05
CA GLY A 290 9.66 29.52 28.79
C GLY A 290 11.00 28.86 28.42
N ILE A 291 11.45 27.85 29.19
CA ILE A 291 12.68 27.16 28.86
C ILE A 291 12.38 25.69 28.70
N PHE A 292 12.48 25.24 27.44
CA PHE A 292 12.19 23.87 27.01
C PHE A 292 13.51 23.21 26.57
N ALA A 293 13.55 21.89 26.55
CA ALA A 293 14.70 21.15 26.08
C ALA A 293 14.22 19.92 25.37
N VAL A 294 14.97 19.49 24.34
CA VAL A 294 14.51 18.43 23.45
C VAL A 294 15.68 17.58 23.05
N GLY A 295 15.38 16.35 22.65
CA GLY A 295 16.39 15.57 21.91
C GLY A 295 17.39 14.95 22.85
N ASP A 296 18.60 14.70 22.37
CA ASP A 296 19.57 13.98 23.17
C ASP A 296 20.03 14.60 24.49
N VAL A 297 19.88 15.92 24.66
CA VAL A 297 20.35 16.62 25.85
C VAL A 297 19.50 16.31 27.05
N ARG A 298 18.27 15.88 26.83
CA ARG A 298 17.32 15.60 27.89
C ARG A 298 17.72 14.35 28.65
N GLN A 299 17.31 14.29 29.92
CA GLN A 299 17.33 13.04 30.65
C GLN A 299 16.25 12.18 30.04
N LYS A 300 16.60 11.06 29.46
CA LYS A 300 15.65 10.14 28.85
C LYS A 300 16.41 8.90 28.45
N ASP A 301 15.73 7.87 27.96
CA ASP A 301 16.37 6.56 27.72
C ASP A 301 16.56 6.17 26.27
N PHE A 302 15.93 6.88 25.33
CA PHE A 302 16.01 6.40 23.94
C PHE A 302 16.44 7.46 22.94
N ARG A 303 17.73 7.49 22.67
CA ARG A 303 18.30 8.59 21.89
C ARG A 303 18.42 8.24 20.42
N GLN A 304 17.55 8.82 19.60
CA GLN A 304 17.44 8.50 18.18
C GLN A 304 17.05 9.76 17.47
N ILE A 305 17.17 9.77 16.13
CA ILE A 305 16.68 10.88 15.36
C ILE A 305 15.15 11.02 15.45
N THR A 306 14.47 9.89 15.43
CA THR A 306 13.04 9.85 15.50
C THR A 306 12.56 10.55 16.73
N THR A 307 13.11 10.17 17.89
CA THR A 307 12.64 10.79 19.15
C THR A 307 13.12 12.22 19.28
N ALA A 308 14.18 12.60 18.57
CA ALA A 308 14.68 14.00 18.59
C ALA A 308 13.70 14.89 17.84
N VAL A 309 13.29 14.39 16.65
CA VAL A 309 12.30 15.02 15.80
C VAL A 309 10.96 15.15 16.57
N GLY A 310 10.54 14.10 17.28
CA GLY A 310 9.29 14.14 18.10
C GLY A 310 9.35 15.19 19.21
N ASP A 311 10.46 15.16 19.93
CA ASP A 311 10.74 16.16 20.91
C ASP A 311 10.68 17.59 20.36
N GLY A 312 11.37 17.86 19.27
CA GLY A 312 11.44 19.19 18.71
C GLY A 312 10.07 19.75 18.32
N ALA A 313 9.24 18.92 17.75
CA ALA A 313 7.93 19.31 17.33
C ALA A 313 7.06 19.71 18.51
N GLN A 314 7.05 18.86 19.53
CA GLN A 314 6.29 19.07 20.75
C GLN A 314 6.70 20.35 21.44
N ALA A 315 8.01 20.57 21.61
CA ALA A 315 8.50 21.80 22.27
C ALA A 315 8.13 23.10 21.55
N ALA A 316 8.12 23.07 20.21
CA ALA A 316 7.72 24.20 19.36
C ALA A 316 6.28 24.58 19.63
N GLN A 317 5.43 23.57 19.77
CA GLN A 317 4.03 23.78 20.07
C GLN A 317 3.85 24.30 21.50
N GLU A 318 4.64 23.79 22.45
CA GLU A 318 4.68 24.36 23.80
C GLU A 318 5.22 25.79 23.84
N ALA A 319 6.27 26.08 23.08
CA ALA A 319 6.80 27.46 23.05
C ALA A 319 5.75 28.45 22.52
N TYR A 320 5.05 28.04 21.46
CA TYR A 320 3.99 28.82 20.88
C TYR A 320 2.97 29.14 21.93
N LYS A 321 2.56 28.13 22.70
CA LYS A 321 1.55 28.33 23.74
C LYS A 321 2.02 29.25 24.87
N PHE A 322 3.26 29.04 25.29
CA PHE A 322 3.94 29.90 26.31
C PHE A 322 3.98 31.36 25.87
N VAL A 323 4.35 31.58 24.60
CA VAL A 323 4.51 32.93 24.07
C VAL A 323 3.14 33.66 23.86
N VAL A 324 2.13 32.93 23.39
CA VAL A 324 0.76 33.45 23.32
C VAL A 324 0.16 34.00 24.65
N GLU A 325 0.27 33.28 25.77
CA GLU A 325 -0.32 33.71 27.07
C GLU A 325 0.53 34.73 27.88
N LYS B 24 3.35 -16.90 19.93
CA LYS B 24 3.80 -16.75 18.53
C LYS B 24 4.60 -15.44 18.42
N TYR B 25 3.92 -14.34 18.11
CA TYR B 25 4.62 -13.10 17.80
C TYR B 25 5.24 -12.53 19.04
N ASP B 26 6.38 -11.85 18.87
CA ASP B 26 6.90 -11.06 19.94
C ASP B 26 6.08 -9.81 20.03
N VAL B 27 5.62 -9.26 18.90
CA VAL B 27 4.91 -7.98 18.95
C VAL B 27 3.99 -7.88 17.78
N VAL B 28 2.78 -7.42 18.06
CA VAL B 28 1.88 -7.11 17.00
C VAL B 28 1.50 -5.65 17.05
N ILE B 29 1.61 -5.01 15.87
CA ILE B 29 1.33 -3.64 15.75
C ILE B 29 0.01 -3.49 15.00
N ILE B 30 -0.91 -2.78 15.61
CA ILE B 30 -2.19 -2.60 15.01
C ILE B 30 -2.31 -1.22 14.44
N GLY B 31 -2.32 -1.17 13.09
CA GLY B 31 -2.43 0.07 12.37
C GLY B 31 -1.17 0.37 11.60
N SER B 32 -1.27 0.61 10.28
CA SER B 32 -0.08 0.93 9.47
C SER B 32 -0.01 2.39 8.99
N GLY B 33 -0.36 3.29 9.87
CA GLY B 33 -0.04 4.71 9.67
C GLY B 33 1.40 5.00 10.09
N PRO B 34 1.79 6.30 10.09
CA PRO B 34 3.21 6.53 10.36
C PRO B 34 3.63 6.02 11.74
N ALA B 35 2.75 6.05 12.74
CA ALA B 35 3.21 5.59 14.07
C ALA B 35 3.52 4.08 14.02
N GLY B 36 2.61 3.32 13.39
CA GLY B 36 2.71 1.86 13.37
C GLY B 36 3.87 1.37 12.49
N MET B 37 4.06 2.01 11.33
CA MET B 37 5.15 1.69 10.47
C MET B 37 6.47 2.02 11.15
N THR B 38 6.55 3.12 11.91
CA THR B 38 7.78 3.42 12.63
C THR B 38 8.06 2.33 13.66
N ALA B 39 6.99 1.92 14.37
CA ALA B 39 7.15 0.92 15.47
C ALA B 39 7.59 -0.44 14.87
N ALA B 40 6.88 -0.86 13.85
CA ALA B 40 7.27 -2.11 13.11
C ALA B 40 8.71 -2.09 12.51
N MET B 41 9.10 -0.98 11.95
CA MET B 41 10.46 -0.83 11.47
C MET B 41 11.45 -1.12 12.59
N TYR B 42 11.31 -0.42 13.68
CA TYR B 42 12.11 -0.72 14.88
C TYR B 42 12.06 -2.14 15.38
N THR B 43 10.87 -2.74 15.57
CA THR B 43 10.80 -3.99 16.28
C THR B 43 11.40 -5.07 15.42
N ALA B 44 11.09 -5.04 14.11
CA ALA B 44 11.66 -5.93 13.12
C ALA B 44 13.18 -5.83 12.96
N ARG B 45 13.69 -4.60 12.90
CA ARG B 45 15.16 -4.38 12.89
C ARG B 45 15.83 -4.95 14.13
N SER B 46 15.17 -4.84 15.27
CA SER B 46 15.70 -5.42 16.50
C SER B 46 15.41 -6.96 16.58
N GLU B 47 15.07 -7.57 15.45
CA GLU B 47 14.87 -9.03 15.40
C GLU B 47 13.72 -9.51 16.29
N MET B 48 12.72 -8.65 16.59
CA MET B 48 11.54 -9.15 17.21
C MET B 48 10.65 -9.73 16.13
N LYS B 49 10.05 -10.88 16.40
CA LYS B 49 9.04 -11.44 15.51
C LYS B 49 7.81 -10.53 15.49
N THR B 50 7.60 -9.93 14.32
CA THR B 50 6.78 -8.76 14.18
C THR B 50 5.67 -8.91 13.18
N LEU B 51 4.46 -8.64 13.65
CA LEU B 51 3.29 -8.63 12.77
C LEU B 51 2.68 -7.23 12.71
N LEU B 52 2.42 -6.69 11.53
CA LEU B 52 1.75 -5.40 11.39
C LEU B 52 0.36 -5.53 10.75
N LEU B 53 -0.69 -5.31 11.55
CA LEU B 53 -2.07 -5.49 11.06
C LEU B 53 -2.65 -4.19 10.52
N GLU B 54 -3.38 -4.30 9.42
CA GLU B 54 -3.99 -3.11 8.79
C GLU B 54 -5.28 -3.48 8.11
N ARG B 55 -6.32 -2.69 8.34
CA ARG B 55 -7.63 -2.97 7.72
C ARG B 55 -7.85 -2.20 6.47
N GLY B 56 -7.06 -1.14 6.26
CA GLY B 56 -7.24 -0.33 5.09
C GLY B 56 -5.96 -0.37 4.28
N VAL B 57 -5.30 0.77 4.14
CA VAL B 57 -4.16 0.92 3.25
C VAL B 57 -3.00 1.42 4.06
N PRO B 58 -1.79 0.87 3.84
CA PRO B 58 -0.65 1.50 4.51
C PRO B 58 -0.49 2.98 4.30
N GLY B 59 -0.30 3.71 5.43
CA GLY B 59 -0.07 5.13 5.51
C GLY B 59 -1.14 5.93 6.21
N GLY B 60 -2.28 5.28 6.43
CA GLY B 60 -3.31 5.88 7.19
C GLY B 60 -3.66 7.29 6.75
N GLN B 61 -3.68 8.24 7.67
CA GLN B 61 -4.19 9.57 7.37
C GLN B 61 -3.31 10.31 6.39
N MET B 62 -2.04 9.91 6.26
CA MET B 62 -1.17 10.50 5.26
C MET B 62 -1.74 10.24 3.85
N ASN B 63 -2.43 9.13 3.66
CA ASN B 63 -3.07 8.91 2.38
C ASN B 63 -4.17 9.94 2.03
N ASN B 64 -4.70 10.68 3.01
CA ASN B 64 -5.68 11.73 2.66
C ASN B 64 -5.14 13.14 2.66
N THR B 65 -3.83 13.24 2.56
CA THR B 65 -3.09 14.45 2.66
C THR B 65 -2.43 14.72 1.26
N ALA B 66 -2.48 15.97 0.81
CA ALA B 66 -1.64 16.39 -0.32
C ALA B 66 -0.22 16.81 0.15
N GLU B 67 0.11 18.11 0.06
CA GLU B 67 1.45 18.56 0.38
C GLU B 67 1.69 18.58 1.87
N ILE B 68 2.77 17.93 2.27
CA ILE B 68 3.24 17.93 3.67
C ILE B 68 4.56 18.70 3.63
N GLU B 69 4.69 19.73 4.44
CA GLU B 69 5.89 20.55 4.43
C GLU B 69 6.54 20.58 5.79
N ASN B 70 6.01 19.83 6.76
CA ASN B 70 6.67 19.86 8.07
C ASN B 70 7.17 18.53 8.55
N TYR B 71 7.49 17.63 7.61
CA TYR B 71 8.15 16.39 8.02
C TYR B 71 9.61 16.59 7.74
N PRO B 72 10.42 16.70 8.81
CA PRO B 72 11.88 16.91 8.62
C PRO B 72 12.54 15.86 7.71
N GLY B 73 13.26 16.32 6.70
CA GLY B 73 13.82 15.44 5.71
C GLY B 73 13.30 15.69 4.30
N TYR B 74 12.10 16.19 4.19
CA TYR B 74 11.47 16.52 2.88
C TYR B 74 11.01 17.94 2.97
N GLU B 75 11.54 18.80 2.14
CA GLU B 75 11.03 20.13 2.03
C GLU B 75 9.56 20.15 1.68
N THR B 76 9.17 19.33 0.72
CA THR B 76 7.79 19.05 0.48
C THR B 76 7.69 17.61 -0.03
N ILE B 77 6.59 16.95 0.30
CA ILE B 77 6.31 15.60 -0.16
C ILE B 77 4.81 15.41 -0.06
N MET B 78 4.27 14.64 -0.98
CA MET B 78 2.83 14.33 -1.00
C MET B 78 2.52 13.24 0.01
N GLY B 79 1.35 13.28 0.63
CA GLY B 79 0.97 12.24 1.60
C GLY B 79 1.19 10.78 1.15
N PRO B 80 0.64 10.39 -0.03
CA PRO B 80 0.78 9.02 -0.52
C PRO B 80 2.17 8.68 -0.94
N GLU B 81 2.98 9.68 -1.28
CA GLU B 81 4.41 9.45 -1.56
C GLU B 81 5.11 9.05 -0.26
N LEU B 82 4.88 9.82 0.79
CA LEU B 82 5.46 9.53 2.08
C LEU B 82 4.98 8.16 2.65
N SER B 83 3.70 7.84 2.47
CA SER B 83 3.19 6.52 2.84
C SER B 83 4.01 5.37 2.19
N MET B 84 4.27 5.46 0.88
CA MET B 84 5.09 4.50 0.19
C MET B 84 6.50 4.45 0.73
N LYS B 85 7.04 5.62 1.07
CA LYS B 85 8.44 5.68 1.50
C LYS B 85 8.62 5.02 2.78
N MET B 86 7.66 5.24 3.68
CA MET B 86 7.72 4.62 5.01
C MET B 86 7.44 3.08 4.93
N ALA B 87 6.51 2.65 4.02
CA ALA B 87 6.13 1.22 3.96
C ALA B 87 7.19 0.38 3.28
N GLU B 88 7.93 0.97 2.36
CA GLU B 88 8.79 0.23 1.47
C GLU B 88 9.79 -0.65 2.17
N PRO B 89 10.51 -0.14 3.19
CA PRO B 89 11.54 -1.03 3.81
C PRO B 89 11.02 -2.17 4.68
N LEU B 90 9.73 -2.21 4.99
CA LEU B 90 9.28 -3.06 6.10
C LEU B 90 9.43 -4.57 5.87
N GLU B 91 9.15 -5.00 4.64
CA GLU B 91 9.24 -6.39 4.34
C GLU B 91 10.65 -6.95 4.37
N GLY B 92 11.60 -6.23 3.77
CA GLY B 92 13.03 -6.55 3.82
C GLY B 92 13.58 -6.58 5.22
N LEU B 93 13.08 -5.72 6.12
CA LEU B 93 13.47 -5.80 7.54
C LEU B 93 12.82 -6.93 8.31
N GLY B 94 11.88 -7.64 7.73
CA GLY B 94 11.28 -8.77 8.37
C GLY B 94 9.86 -8.61 8.87
N VAL B 95 9.26 -7.45 8.65
CA VAL B 95 7.95 -7.21 9.14
C VAL B 95 6.98 -8.12 8.40
N GLU B 96 6.18 -8.88 9.14
CA GLU B 96 5.12 -9.59 8.46
C GLU B 96 3.86 -8.68 8.37
N ASN B 97 3.54 -8.21 7.18
CA ASN B 97 2.32 -7.43 6.96
C ASN B 97 1.17 -8.37 6.79
N ALA B 98 0.01 -8.02 7.38
CA ALA B 98 -1.17 -8.89 7.25
C ALA B 98 -2.43 -8.08 7.30
N TYR B 99 -3.45 -8.52 6.58
CA TYR B 99 -4.73 -7.82 6.62
C TYR B 99 -5.45 -8.20 7.87
N GLY B 100 -5.97 -7.22 8.61
CA GLY B 100 -6.80 -7.51 9.75
C GLY B 100 -7.61 -6.31 10.19
N PHE B 101 -8.88 -6.52 10.43
CA PHE B 101 -9.76 -5.53 11.03
C PHE B 101 -9.89 -6.05 12.46
N VAL B 102 -9.06 -5.47 13.34
CA VAL B 102 -8.97 -5.92 14.75
C VAL B 102 -10.25 -5.53 15.51
N THR B 103 -10.95 -6.52 16.06
CA THR B 103 -12.20 -6.29 16.80
C THR B 103 -12.05 -6.45 18.32
N GLY B 104 -11.01 -7.15 18.76
CA GLY B 104 -10.82 -7.33 20.17
C GLY B 104 -9.43 -7.72 20.57
N ILE B 105 -9.15 -7.67 21.88
CA ILE B 105 -7.87 -8.03 22.47
C ILE B 105 -8.09 -8.69 23.83
N GLU B 106 -7.57 -9.89 24.04
CA GLU B 106 -7.63 -10.52 25.36
C GLU B 106 -6.23 -10.60 25.94
N ASP B 107 -6.08 -10.23 27.20
CA ASP B 107 -4.81 -10.43 27.92
C ASP B 107 -4.87 -11.74 28.72
N HIS B 108 -3.86 -12.59 28.51
CA HIS B 108 -3.73 -13.83 29.24
C HIS B 108 -2.40 -13.81 29.97
N GLY B 109 -1.97 -12.63 30.40
CA GLY B 109 -0.77 -12.51 31.21
C GLY B 109 0.52 -12.71 30.44
N ASP B 110 0.87 -13.97 30.21
CA ASP B 110 2.05 -14.35 29.43
C ASP B 110 1.90 -13.97 27.95
N TYR B 111 0.68 -13.91 27.47
CA TYR B 111 0.46 -13.57 26.09
C TYR B 111 -0.85 -12.80 26.04
N LYS B 112 -1.14 -12.26 24.87
CA LYS B 112 -2.37 -11.58 24.63
C LYS B 112 -2.90 -12.17 23.36
N LYS B 113 -4.22 -12.11 23.17
CA LYS B 113 -4.84 -12.60 21.95
C LYS B 113 -5.44 -11.43 21.22
N ILE B 114 -5.16 -11.34 19.92
CA ILE B 114 -5.82 -10.37 19.04
C ILE B 114 -6.80 -11.04 18.09
N ILE B 115 -8.02 -10.52 18.09
CA ILE B 115 -9.14 -11.11 17.37
C ILE B 115 -9.43 -10.18 16.24
N THR B 116 -9.36 -10.65 15.00
CA THR B 116 -9.84 -9.86 13.87
C THR B 116 -11.13 -10.48 13.37
N GLU B 117 -11.71 -9.95 12.29
CA GLU B 117 -13.00 -10.47 11.85
C GLU B 117 -12.94 -11.93 11.44
N ASP B 118 -11.79 -12.40 10.92
CA ASP B 118 -11.67 -13.82 10.50
C ASP B 118 -10.54 -14.57 11.14
N ASP B 119 -9.86 -13.96 12.12
CA ASP B 119 -8.62 -14.59 12.57
C ASP B 119 -8.33 -14.25 14.02
N GLU B 120 -7.29 -14.87 14.53
CA GLU B 120 -6.77 -14.64 15.86
C GLU B 120 -5.26 -14.71 15.82
N PHE B 121 -4.61 -13.86 16.60
CA PHE B 121 -3.14 -13.89 16.73
C PHE B 121 -2.72 -13.95 18.20
N ILE B 122 -1.61 -14.61 18.44
CA ILE B 122 -1.05 -14.70 19.77
C ILE B 122 0.23 -13.91 19.76
N THR B 123 0.42 -13.11 20.79
CA THR B 123 1.60 -12.30 20.84
C THR B 123 2.00 -12.01 22.26
N LYS B 124 3.27 -11.70 22.45
CA LYS B 124 3.77 -11.34 23.75
C LYS B 124 3.45 -9.90 24.06
N SER B 125 3.42 -9.05 23.05
CA SER B 125 3.15 -7.59 23.22
C SER B 125 2.35 -6.99 22.10
N ILE B 126 1.75 -5.86 22.35
CA ILE B 126 0.89 -5.20 21.40
C ILE B 126 1.22 -3.71 21.40
N ILE B 127 1.37 -3.14 20.21
CA ILE B 127 1.48 -1.71 20.05
C ILE B 127 0.29 -1.23 19.26
N ILE B 128 -0.59 -0.48 19.92
CA ILE B 128 -1.80 -0.03 19.28
C ILE B 128 -1.51 1.27 18.57
N ALA B 129 -1.83 1.31 17.29
CA ALA B 129 -1.47 2.48 16.47
C ALA B 129 -2.58 2.85 15.49
N THR B 130 -3.81 2.84 15.98
CA THR B 130 -4.99 2.88 15.10
C THR B 130 -5.54 4.27 14.78
N GLY B 131 -4.87 5.32 15.28
CA GLY B 131 -5.17 6.69 14.89
C GLY B 131 -6.49 7.34 15.36
N ALA B 132 -6.98 8.27 14.55
CA ALA B 132 -8.10 9.13 14.88
C ALA B 132 -8.85 9.42 13.65
N ASN B 133 -10.10 9.82 13.80
CA ASN B 133 -10.87 10.22 12.64
C ASN B 133 -11.47 11.65 12.71
N HIS B 134 -11.16 12.46 11.69
CA HIS B 134 -11.64 13.81 11.50
C HIS B 134 -12.97 13.74 10.81
N ARG B 135 -14.01 14.11 11.52
CA ARG B 135 -15.35 14.08 10.97
C ARG B 135 -15.47 15.06 9.79
N LYS B 136 -16.14 14.60 8.74
CA LYS B 136 -16.26 15.38 7.55
C LYS B 136 -17.61 16.10 7.50
N LEU B 137 -17.65 17.16 6.71
CA LEU B 137 -18.88 17.88 6.43
C LEU B 137 -19.84 17.09 5.52
N GLU B 138 -19.31 16.34 4.55
CA GLU B 138 -20.12 15.57 3.59
C GLU B 138 -21.03 16.50 2.79
N ILE B 139 -20.42 17.52 2.24
CA ILE B 139 -21.09 18.43 1.34
C ILE B 139 -20.31 18.49 0.03
N PRO B 140 -21.03 18.79 -1.06
CA PRO B 140 -20.35 18.94 -2.34
C PRO B 140 -19.19 19.91 -2.26
N GLY B 141 -18.06 19.55 -2.88
CA GLY B 141 -16.86 20.40 -2.90
C GLY B 141 -15.76 20.02 -1.90
N GLU B 142 -16.15 19.39 -0.78
CA GLU B 142 -15.25 19.09 0.31
C GLU B 142 -14.08 18.23 -0.18
N GLU B 143 -14.42 17.15 -0.87
CA GLU B 143 -13.45 16.24 -1.41
C GLU B 143 -12.70 16.91 -2.54
N GLU B 144 -13.43 17.47 -3.51
CA GLU B 144 -12.86 18.09 -4.71
C GLU B 144 -11.74 19.06 -4.39
N TYR B 145 -11.92 19.83 -3.31
CA TYR B 145 -10.96 20.87 -2.97
C TYR B 145 -10.09 20.54 -1.75
N GLY B 146 -10.09 19.27 -1.36
CA GLY B 146 -9.20 18.79 -0.33
C GLY B 146 -7.74 19.05 -0.67
N ALA B 147 -7.03 19.78 0.18
CA ALA B 147 -5.70 20.40 -0.14
C ALA B 147 -5.69 21.43 -1.30
N ARG B 148 -6.82 21.99 -1.62
CA ARG B 148 -6.87 23.03 -2.62
C ARG B 148 -7.65 24.15 -1.94
N GLY B 149 -7.61 24.19 -0.61
CA GLY B 149 -8.44 25.10 0.15
C GLY B 149 -9.16 24.50 1.34
N VAL B 150 -9.38 23.19 1.37
CA VAL B 150 -10.08 22.55 2.48
C VAL B 150 -9.06 21.91 3.38
N SER B 151 -9.15 22.10 4.69
CA SER B 151 -8.19 21.46 5.58
C SER B 151 -8.80 21.13 6.91
N TYR B 152 -8.19 20.19 7.60
CA TYR B 152 -8.63 19.75 8.95
C TYR B 152 -7.54 20.03 9.98
N CYS B 153 -6.51 20.79 9.62
CA CYS B 153 -5.39 21.03 10.54
C CYS B 153 -4.61 22.34 10.22
N ALA B 154 -4.83 23.37 11.03
CA ALA B 154 -4.21 24.65 10.88
C ALA B 154 -2.69 24.67 11.01
N VAL B 155 -2.14 24.00 12.02
CA VAL B 155 -0.65 23.86 12.10
C VAL B 155 -0.06 23.30 10.80
N CYS B 156 -0.76 22.31 10.21
CA CYS B 156 -0.34 21.70 8.94
C CYS B 156 -0.40 22.65 7.77
N ASP B 157 -1.51 23.39 7.66
CA ASP B 157 -1.90 24.06 6.41
C ASP B 157 -2.07 25.56 6.47
N GLY B 158 -2.17 26.11 7.68
CA GLY B 158 -2.50 27.53 7.86
C GLY B 158 -1.64 28.43 7.03
N ALA B 159 -0.36 28.05 6.95
CA ALA B 159 0.68 28.80 6.25
C ALA B 159 0.38 29.11 4.79
N PHE B 160 -0.33 28.21 4.13
CA PHE B 160 -0.78 28.41 2.73
C PHE B 160 -1.82 29.53 2.52
N PHE B 161 -2.34 30.15 3.58
CA PHE B 161 -3.46 31.09 3.43
C PHE B 161 -3.19 32.48 3.96
N ARG B 162 -1.93 32.91 3.90
CA ARG B 162 -1.57 34.25 4.28
C ARG B 162 -2.48 35.30 3.61
N ASN B 163 -2.99 36.23 4.40
CA ASN B 163 -3.78 37.34 3.88
C ASN B 163 -5.08 36.96 3.15
N GLN B 164 -5.50 35.72 3.30
CA GLN B 164 -6.76 35.30 2.70
C GLN B 164 -7.92 35.38 3.70
N GLU B 165 -9.14 35.33 3.15
CA GLU B 165 -10.31 35.26 3.99
C GLU B 165 -10.49 33.79 4.32
N ILE B 166 -10.34 33.44 5.61
CA ILE B 166 -10.39 32.05 6.08
C ILE B 166 -11.65 31.76 6.90
N LEU B 167 -12.24 30.59 6.61
CA LEU B 167 -13.47 30.14 7.24
C LEU B 167 -13.18 28.94 8.12
N VAL B 168 -13.63 29.00 9.36
CA VAL B 168 -13.53 27.88 10.27
C VAL B 168 -14.93 27.36 10.58
N ILE B 169 -15.11 26.05 10.53
CA ILE B 169 -16.43 25.47 10.87
C ILE B 169 -16.34 24.68 12.16
N GLY B 170 -17.22 25.01 13.10
CA GLY B 170 -17.27 24.34 14.40
C GLY B 170 -17.38 25.34 15.52
N GLY B 171 -17.75 24.89 16.73
CA GLY B 171 -17.81 25.76 17.90
C GLY B 171 -17.14 25.30 19.20
N GLY B 172 -16.38 24.22 19.17
CA GLY B 172 -15.70 23.71 20.36
C GLY B 172 -14.29 24.25 20.49
N ASP B 173 -13.55 23.71 21.47
CA ASP B 173 -12.22 24.20 21.78
C ASP B 173 -11.31 24.16 20.56
N SER B 174 -11.53 23.17 19.72
CA SER B 174 -10.69 23.00 18.57
C SER B 174 -10.94 24.05 17.50
N ALA B 175 -12.19 24.24 17.11
CA ALA B 175 -12.52 25.26 16.11
C ALA B 175 -11.96 26.61 16.55
N VAL B 176 -12.17 26.97 17.81
CA VAL B 176 -11.92 28.33 18.25
C VAL B 176 -10.41 28.53 18.45
N GLU B 177 -9.75 27.50 18.99
CA GLU B 177 -8.30 27.55 19.10
C GLU B 177 -7.58 27.59 17.78
N GLU B 178 -7.99 26.80 16.81
CA GLU B 178 -7.38 26.86 15.47
C GLU B 178 -7.72 28.17 14.75
N ALA B 179 -8.94 28.68 14.98
CA ALA B 179 -9.31 30.01 14.46
C ALA B 179 -8.37 31.10 14.92
N LEU B 180 -8.08 31.12 16.22
CA LEU B 180 -7.14 32.10 16.77
C LEU B 180 -5.75 31.96 16.18
N TYR B 181 -5.28 30.71 16.04
CA TYR B 181 -4.03 30.39 15.42
C TYR B 181 -4.01 30.98 13.98
N LEU B 182 -5.07 30.71 13.23
CA LEU B 182 -5.17 31.08 11.82
C LEU B 182 -5.26 32.59 11.58
N THR B 183 -5.53 33.34 12.64
CA THR B 183 -5.55 34.79 12.49
C THR B 183 -4.14 35.32 12.33
N ARG B 184 -3.12 34.49 12.57
CA ARG B 184 -1.73 34.84 12.28
C ARG B 184 -1.40 34.74 10.81
N PHE B 185 -2.32 34.22 10.01
CA PHE B 185 -2.10 34.11 8.56
C PHE B 185 -3.13 34.90 7.79
N GLY B 186 -4.39 34.61 8.03
CA GLY B 186 -5.46 35.20 7.26
C GLY B 186 -5.62 36.71 7.45
N GLN B 187 -6.21 37.35 6.46
CA GLN B 187 -6.67 38.71 6.64
C GLN B 187 -7.79 38.67 7.69
N SER B 188 -8.62 37.65 7.59
CA SER B 188 -9.71 37.50 8.50
C SER B 188 -9.99 36.01 8.69
N VAL B 189 -10.50 35.70 9.88
CA VAL B 189 -11.00 34.40 10.16
C VAL B 189 -12.48 34.50 10.58
N THR B 190 -13.34 33.70 9.93
CA THR B 190 -14.75 33.66 10.29
C THR B 190 -15.07 32.28 10.87
N ILE B 191 -15.66 32.23 12.06
CA ILE B 191 -16.15 30.97 12.63
C ILE B 191 -17.65 30.80 12.35
N MET B 192 -17.99 29.73 11.66
CA MET B 192 -19.36 29.39 11.34
C MET B 192 -19.73 28.17 12.17
N HIS B 193 -20.71 28.36 13.05
CA HIS B 193 -21.19 27.33 13.93
C HIS B 193 -22.73 27.20 13.79
N ARG B 194 -23.21 25.97 13.93
CA ARG B 194 -24.60 25.62 13.73
C ARG B 194 -25.55 26.15 14.84
N ARG B 195 -25.02 26.55 15.99
CA ARG B 195 -25.83 27.08 17.12
C ARG B 195 -25.53 28.57 17.35
N ASP B 196 -26.15 29.14 18.40
CA ASP B 196 -26.15 30.61 18.65
C ASP B 196 -25.14 31.11 19.67
N LYS B 197 -24.34 30.18 20.17
CA LYS B 197 -23.21 30.48 21.06
C LYS B 197 -22.27 29.27 21.00
N LEU B 198 -21.09 29.40 21.59
CA LEU B 198 -20.00 28.40 21.46
C LEU B 198 -19.98 27.38 22.59
N ARG B 199 -19.41 26.21 22.34
CA ARG B 199 -19.16 25.17 23.35
C ARG B 199 -17.72 25.18 23.89
N ALA B 200 -16.85 26.03 23.33
CA ALA B 200 -15.44 26.08 23.76
C ALA B 200 -15.33 26.62 25.19
N GLN B 201 -14.24 26.31 25.87
CA GLN B 201 -13.98 26.81 27.22
C GLN B 201 -14.01 28.32 27.25
N GLU B 202 -14.47 28.85 28.37
CA GLU B 202 -14.56 30.27 28.54
C GLU B 202 -13.27 31.00 28.17
N ILE B 203 -12.11 30.53 28.64
CA ILE B 203 -10.85 31.28 28.40
C ILE B 203 -10.53 31.37 26.89
N ILE B 204 -10.85 30.30 26.17
CA ILE B 204 -10.63 30.23 24.71
C ILE B 204 -11.63 31.12 24.02
N GLN B 205 -12.87 31.13 24.54
CA GLN B 205 -13.90 32.02 24.07
C GLN B 205 -13.56 33.47 24.27
N GLN B 206 -13.17 33.83 25.50
CA GLN B 206 -12.71 35.21 25.77
C GLN B 206 -11.64 35.66 24.81
N ARG B 207 -10.66 34.81 24.51
CA ARG B 207 -9.61 35.19 23.56
C ARG B 207 -10.24 35.50 22.19
N ALA B 208 -11.23 34.70 21.79
CA ALA B 208 -11.87 34.84 20.46
C ALA B 208 -12.64 36.19 20.33
N PHE B 209 -13.35 36.55 21.37
CA PHE B 209 -14.11 37.82 21.38
C PHE B 209 -13.23 39.06 21.42
N LYS B 210 -12.02 38.95 21.97
CA LYS B 210 -11.05 40.05 21.98
C LYS B 210 -10.26 40.18 20.71
N GLU B 211 -10.27 39.15 19.87
CA GLU B 211 -9.50 39.19 18.63
C GLU B 211 -10.37 39.75 17.50
N GLU B 212 -9.96 40.90 16.94
CA GLU B 212 -10.75 41.65 15.97
C GLU B 212 -10.84 41.01 14.61
N LYS B 213 -9.79 40.27 14.21
CA LYS B 213 -9.78 39.56 12.91
C LYS B 213 -10.76 38.37 12.88
N ILE B 214 -11.33 37.99 14.02
CA ILE B 214 -12.38 36.95 14.06
C ILE B 214 -13.76 37.60 14.01
N ASN B 215 -14.64 36.97 13.24
CA ASN B 215 -16.04 37.25 13.32
C ASN B 215 -16.75 35.91 13.20
N PHE B 216 -18.06 35.94 13.44
CA PHE B 216 -18.86 34.78 13.60
C PHE B 216 -20.03 34.72 12.66
N ILE B 217 -20.34 33.52 12.17
CA ILE B 217 -21.62 33.26 11.52
C ILE B 217 -22.38 32.18 12.33
N TRP B 218 -23.49 32.57 12.93
CA TRP B 218 -24.18 31.73 13.92
C TRP B 218 -25.29 30.88 13.25
N ASP B 219 -25.74 29.80 13.91
CA ASP B 219 -26.98 29.15 13.48
C ASP B 219 -26.90 28.76 12.01
N SER B 220 -25.70 28.46 11.54
CA SER B 220 -25.50 28.21 10.11
C SER B 220 -24.65 26.99 9.85
N VAL B 221 -24.86 26.36 8.70
CA VAL B 221 -24.05 25.21 8.32
C VAL B 221 -23.67 25.36 6.84
N PRO B 222 -22.53 24.85 6.47
CA PRO B 222 -22.14 25.01 5.09
C PRO B 222 -22.92 24.01 4.23
N MET B 223 -23.14 24.39 2.97
CA MET B 223 -23.91 23.60 2.01
C MET B 223 -23.06 23.14 0.80
N GLU B 224 -22.18 24.02 0.35
CA GLU B 224 -21.36 23.72 -0.78
C GLU B 224 -20.08 24.57 -0.76
N ILE B 225 -18.96 23.92 -1.02
CA ILE B 225 -17.68 24.55 -1.15
C ILE B 225 -17.45 24.68 -2.67
N LYS B 226 -17.29 25.92 -3.14
CA LYS B 226 -17.15 26.20 -4.57
C LYS B 226 -15.82 26.81 -4.97
N GLY B 227 -15.43 26.57 -6.20
CA GLY B 227 -14.29 27.27 -6.73
C GLY B 227 -14.10 27.04 -8.22
N ASP B 228 -12.86 27.09 -8.68
CA ASP B 228 -12.58 26.85 -10.06
C ASP B 228 -11.97 25.47 -10.16
N ASP B 229 -11.24 25.21 -11.21
CA ASP B 229 -10.64 23.90 -11.32
C ASP B 229 -9.50 23.75 -10.32
N LYS B 230 -8.90 24.89 -9.93
CA LYS B 230 -7.71 24.90 -9.06
C LYS B 230 -7.89 25.16 -7.56
N LYS B 231 -8.72 26.14 -7.19
CA LYS B 231 -8.82 26.50 -5.78
C LYS B 231 -10.20 27.00 -5.41
N ILE B 232 -10.50 26.96 -4.10
CA ILE B 232 -11.75 27.47 -3.55
C ILE B 232 -11.89 28.95 -3.79
N GLN B 233 -13.12 29.36 -4.10
CA GLN B 233 -13.48 30.74 -4.21
C GLN B 233 -14.66 31.14 -3.28
N SER B 234 -15.60 30.23 -3.04
CA SER B 234 -16.70 30.58 -2.14
C SER B 234 -17.35 29.40 -1.39
N VAL B 235 -18.19 29.72 -0.41
CA VAL B 235 -18.97 28.76 0.39
C VAL B 235 -20.40 29.21 0.45
N VAL B 236 -21.31 28.30 0.11
CA VAL B 236 -22.74 28.52 0.24
C VAL B 236 -23.11 27.89 1.55
N TYR B 237 -23.88 28.62 2.32
CA TYR B 237 -24.28 28.15 3.65
C TYR B 237 -25.70 28.54 3.92
N LYS B 238 -26.27 27.90 4.93
CA LYS B 238 -27.66 28.06 5.24
C LYS B 238 -27.80 28.31 6.72
N ASN B 239 -28.71 29.21 7.06
CA ASN B 239 -29.15 29.40 8.42
C ASN B 239 -30.13 28.29 8.76
N VAL B 240 -29.81 27.51 9.79
CA VAL B 240 -30.63 26.33 10.12
C VAL B 240 -32.00 26.72 10.70
N LYS B 241 -32.07 27.83 11.43
CA LYS B 241 -33.36 28.31 11.93
C LYS B 241 -34.20 28.91 10.80
N THR B 242 -33.66 29.88 10.06
CA THR B 242 -34.46 30.65 9.07
C THR B 242 -34.55 30.03 7.67
N GLY B 243 -33.60 29.17 7.31
CA GLY B 243 -33.55 28.62 5.94
C GLY B 243 -32.85 29.51 4.92
N GLU B 244 -32.41 30.66 5.37
CA GLU B 244 -31.82 31.66 4.48
C GLU B 244 -30.43 31.19 4.03
N VAL B 245 -30.26 31.15 2.72
CA VAL B 245 -29.06 30.71 2.05
C VAL B 245 -28.23 31.91 1.58
N THR B 246 -26.91 31.81 1.73
CA THR B 246 -25.97 32.92 1.45
C THR B 246 -24.68 32.32 0.86
N GLU B 247 -24.09 33.01 -0.10
CA GLU B 247 -22.78 32.66 -0.59
C GLU B 247 -21.79 33.81 -0.24
N LYS B 248 -20.59 33.44 0.25
CA LYS B 248 -19.52 34.37 0.54
C LYS B 248 -18.23 33.85 -0.02
N ALA B 249 -17.36 34.78 -0.39
CA ALA B 249 -15.99 34.49 -0.78
C ALA B 249 -15.17 34.02 0.42
N PHE B 250 -14.42 32.94 0.19
CA PHE B 250 -13.46 32.48 1.15
C PHE B 250 -12.30 31.87 0.36
N GLY B 251 -11.09 31.97 0.90
CA GLY B 251 -9.92 31.36 0.25
C GLY B 251 -9.52 30.06 0.85
N GLY B 252 -10.09 29.75 2.02
CA GLY B 252 -9.78 28.50 2.69
C GLY B 252 -10.79 28.16 3.74
N ILE B 253 -11.00 26.86 3.93
CA ILE B 253 -11.94 26.34 4.91
C ILE B 253 -11.21 25.28 5.73
N PHE B 254 -11.29 25.46 7.04
CA PHE B 254 -10.78 24.55 8.05
C PHE B 254 -11.93 24.01 8.84
N ILE B 255 -11.99 22.68 8.94
CA ILE B 255 -13.17 22.00 9.48
C ILE B 255 -12.90 21.31 10.83
N TYR B 256 -13.74 21.64 11.82
CA TYR B 256 -13.61 21.07 13.19
C TYR B 256 -14.93 20.70 13.72
N VAL B 257 -15.47 19.64 13.16
CA VAL B 257 -16.80 19.20 13.56
C VAL B 257 -16.67 17.89 14.26
N GLY B 258 -15.50 17.62 14.79
CA GLY B 258 -15.33 16.47 15.63
C GLY B 258 -14.14 15.65 15.21
N LEU B 259 -13.39 15.22 16.21
CA LEU B 259 -12.19 14.39 16.09
C LEU B 259 -12.38 13.21 17.04
N ASP B 260 -12.44 11.99 16.51
CA ASP B 260 -12.65 10.76 17.34
C ASP B 260 -11.47 9.80 17.34
N PRO B 261 -11.17 9.16 18.49
CA PRO B 261 -10.17 8.07 18.49
C PRO B 261 -10.68 6.91 17.65
N VAL B 262 -9.78 6.15 17.04
CA VAL B 262 -10.17 4.93 16.36
C VAL B 262 -9.64 3.79 17.21
N ALA B 263 -10.43 3.38 18.17
CA ALA B 263 -10.02 2.38 19.13
C ALA B 263 -11.23 1.67 19.74
N GLU B 264 -12.18 1.30 18.89
CA GLU B 264 -13.41 0.61 19.28
C GLU B 264 -13.14 -0.73 19.99
N PHE B 265 -12.10 -1.43 19.53
CA PHE B 265 -11.67 -2.74 20.00
C PHE B 265 -10.98 -2.78 21.38
N VAL B 266 -10.81 -1.64 22.04
CA VAL B 266 -10.28 -1.63 23.40
C VAL B 266 -11.25 -1.07 24.43
N SER B 267 -12.46 -0.72 24.00
CA SER B 267 -13.40 0.03 24.81
C SER B 267 -13.59 -0.52 26.22
N ASP B 268 -13.61 -1.84 26.35
CA ASP B 268 -13.80 -2.50 27.65
C ASP B 268 -12.52 -2.74 28.47
N LEU B 269 -11.34 -2.39 27.94
CA LEU B 269 -10.08 -2.85 28.57
C LEU B 269 -9.59 -2.01 29.74
N GLY B 270 -10.22 -0.85 29.94
CA GLY B 270 -9.86 0.08 31.02
C GLY B 270 -8.60 0.88 30.75
N ILE B 271 -8.33 1.21 29.49
CA ILE B 271 -7.10 1.94 29.14
C ILE B 271 -7.36 3.25 28.42
N THR B 272 -8.62 3.68 28.40
CA THR B 272 -9.07 4.84 27.68
C THR B 272 -9.62 5.89 28.62
N ASP B 273 -9.69 7.13 28.12
CA ASP B 273 -10.33 8.22 28.82
C ASP B 273 -11.80 8.34 28.40
N GLU B 274 -12.47 9.40 28.89
CA GLU B 274 -13.89 9.65 28.65
C GLU B 274 -14.24 9.51 27.20
N ALA B 275 -13.51 10.23 26.35
CA ALA B 275 -13.87 10.30 24.94
C ALA B 275 -13.43 9.08 24.20
N GLY B 276 -12.60 8.24 24.82
CA GLY B 276 -12.07 7.04 24.19
C GLY B 276 -10.60 7.09 23.75
N TRP B 277 -9.87 8.16 24.09
CA TRP B 277 -8.41 8.19 23.83
C TRP B 277 -7.61 7.25 24.73
N ILE B 278 -6.58 6.60 24.19
CA ILE B 278 -5.81 5.68 24.97
C ILE B 278 -4.79 6.41 25.85
N ILE B 279 -4.89 6.13 27.14
CA ILE B 279 -4.02 6.75 28.10
C ILE B 279 -2.71 5.97 28.17
N THR B 280 -1.60 6.68 28.08
CA THR B 280 -0.28 6.05 28.26
C THR B 280 0.61 6.90 29.13
N ASP B 281 1.69 6.34 29.62
CA ASP B 281 2.68 7.18 30.24
C ASP B 281 3.65 7.68 29.15
N ASP B 282 4.67 8.44 29.55
CA ASP B 282 5.63 9.03 28.61
C ASP B 282 6.40 7.97 27.82
N HIS B 283 6.37 6.72 28.30
CA HIS B 283 6.97 5.61 27.60
C HIS B 283 5.99 4.80 26.73
N MET B 284 4.81 5.38 26.39
CA MET B 284 3.78 4.74 25.57
C MET B 284 3.17 3.47 26.21
N ARG B 285 3.38 3.26 27.51
CA ARG B 285 2.81 2.10 28.22
C ARG B 285 1.39 2.42 28.65
N THR B 286 0.44 1.56 28.36
CA THR B 286 -0.93 1.70 28.89
C THR B 286 -0.86 1.06 30.26
N ASN B 287 -1.96 1.12 31.02
CA ASN B 287 -1.98 0.43 32.33
C ASN B 287 -1.95 -1.10 32.21
N ILE B 288 -1.98 -1.67 30.98
CA ILE B 288 -1.83 -3.13 30.83
C ILE B 288 -0.41 -3.49 30.43
N PRO B 289 0.29 -4.26 31.26
CA PRO B 289 1.63 -4.70 30.91
C PRO B 289 1.71 -5.37 29.54
N GLY B 290 2.65 -4.89 28.69
CA GLY B 290 2.81 -5.39 27.32
C GLY B 290 1.86 -4.79 26.28
N ILE B 291 1.01 -3.87 26.71
CA ILE B 291 0.18 -3.18 25.78
C ILE B 291 0.61 -1.73 25.75
N PHE B 292 1.01 -1.29 24.55
CA PHE B 292 1.45 0.05 24.36
C PHE B 292 0.56 0.71 23.31
N ALA B 293 0.51 2.03 23.33
CA ALA B 293 -0.17 2.78 22.28
C ALA B 293 0.66 3.99 21.84
N VAL B 294 0.57 4.35 20.54
CA VAL B 294 1.39 5.37 19.92
C VAL B 294 0.55 6.20 18.92
N GLY B 295 0.97 7.44 18.71
CA GLY B 295 0.41 8.26 17.65
C GLY B 295 -0.90 8.97 17.97
N ASP B 296 -1.71 9.23 16.94
CA ASP B 296 -3.00 9.97 17.11
C ASP B 296 -4.07 9.34 18.08
N VAL B 297 -4.06 8.02 18.29
CA VAL B 297 -5.01 7.32 19.18
C VAL B 297 -4.80 7.62 20.67
N ARG B 298 -3.63 8.10 21.02
CA ARG B 298 -3.30 8.41 22.40
C ARG B 298 -4.07 9.64 22.88
N GLN B 299 -4.31 9.77 24.19
CA GLN B 299 -4.68 11.04 24.73
C GLN B 299 -3.44 11.93 24.70
N LYS B 300 -3.47 12.95 23.88
CA LYS B 300 -2.33 13.88 23.84
C LYS B 300 -2.76 15.10 23.08
N ASP B 301 -1.93 16.13 23.01
CA ASP B 301 -2.39 17.40 22.45
C ASP B 301 -1.73 17.87 21.19
N PHE B 302 -0.81 17.09 20.59
CA PHE B 302 -0.21 17.51 19.35
C PHE B 302 -0.02 16.39 18.33
N ARG B 303 -0.97 16.29 17.41
CA ARG B 303 -1.11 15.18 16.48
C ARG B 303 -0.50 15.53 15.12
N GLN B 304 0.63 14.92 14.87
CA GLN B 304 1.46 15.20 13.73
C GLN B 304 2.19 13.96 13.38
N ILE B 305 2.69 13.92 12.14
CA ILE B 305 3.56 12.84 11.70
C ILE B 305 4.82 12.73 12.58
N THR B 306 5.46 13.83 12.88
CA THR B 306 6.71 13.84 13.67
C THR B 306 6.51 13.20 15.07
N THR B 307 5.43 13.59 15.75
CA THR B 307 5.12 13.05 17.07
C THR B 307 4.64 11.59 16.97
N ALA B 308 4.03 11.22 15.82
CA ALA B 308 3.60 9.85 15.57
C ALA B 308 4.83 8.96 15.44
N VAL B 309 5.80 9.41 14.65
CA VAL B 309 7.10 8.73 14.45
C VAL B 309 7.87 8.59 15.77
N GLY B 310 7.97 9.69 16.52
CA GLY B 310 8.61 9.70 17.83
C GLY B 310 7.99 8.70 18.75
N ASP B 311 6.66 8.71 18.84
CA ASP B 311 5.92 7.70 19.62
C ASP B 311 6.21 6.27 19.19
N GLY B 312 6.19 5.97 17.88
CA GLY B 312 6.35 4.65 17.38
C GLY B 312 7.71 4.06 17.66
N ALA B 313 8.74 4.90 17.63
CA ALA B 313 10.10 4.47 17.97
C ALA B 313 10.22 4.15 19.43
N GLN B 314 9.69 5.04 20.28
CA GLN B 314 9.66 4.83 21.72
C GLN B 314 8.97 3.52 22.20
N ALA B 315 7.79 3.25 21.66
CA ALA B 315 7.05 2.06 22.00
C ALA B 315 7.75 0.81 21.59
N ALA B 316 8.43 0.85 20.46
CA ALA B 316 9.22 -0.28 19.96
C ALA B 316 10.33 -0.67 20.90
N GLN B 317 11.04 0.31 21.42
CA GLN B 317 12.08 0.06 22.41
C GLN B 317 11.46 -0.54 23.69
N GLU B 318 10.29 -0.05 24.09
CA GLU B 318 9.62 -0.52 25.33
C GLU B 318 9.09 -1.92 25.18
N ALA B 319 8.68 -2.29 23.97
CA ALA B 319 8.16 -3.59 23.70
C ALA B 319 9.31 -4.63 23.72
N TYR B 320 10.48 -4.24 23.18
CA TYR B 320 11.70 -5.01 23.26
C TYR B 320 12.03 -5.30 24.72
N LYS B 321 12.06 -4.23 25.50
CA LYS B 321 12.41 -4.34 26.91
C LYS B 321 11.42 -5.30 27.59
N PHE B 322 10.14 -5.09 27.38
CA PHE B 322 9.09 -5.94 27.96
C PHE B 322 9.27 -7.41 27.56
N VAL B 323 9.54 -7.66 26.29
CA VAL B 323 9.61 -9.01 25.83
C VAL B 323 10.88 -9.68 26.38
N VAL B 324 11.93 -8.90 26.53
CA VAL B 324 13.14 -9.34 27.23
C VAL B 324 12.90 -9.82 28.67
N GLU B 325 12.27 -9.05 29.53
CA GLU B 325 12.14 -9.45 30.95
C GLU B 325 11.04 -10.50 31.23
N LYS C 24 15.83 3.34 -20.67
CA LYS C 24 15.91 2.84 -19.26
C LYS C 24 14.96 1.67 -19.09
N TYR C 25 13.71 1.94 -18.74
CA TYR C 25 12.77 0.83 -18.42
C TYR C 25 12.36 0.11 -19.70
N ASP C 26 12.03 -1.18 -19.56
CA ASP C 26 11.44 -1.93 -20.65
C ASP C 26 9.97 -1.58 -20.70
N VAL C 27 9.38 -1.42 -19.54
CA VAL C 27 7.98 -1.14 -19.48
C VAL C 27 7.72 -0.39 -18.21
N VAL C 28 6.88 0.64 -18.35
CA VAL C 28 6.32 1.36 -17.23
C VAL C 28 4.82 1.16 -17.18
N ILE C 29 4.32 0.78 -16.00
CA ILE C 29 2.91 0.61 -15.84
C ILE C 29 2.40 1.76 -14.99
N ILE C 30 1.40 2.42 -15.52
CA ILE C 30 0.86 3.59 -14.87
C ILE C 30 -0.43 3.19 -14.21
N GLY C 31 -0.43 3.16 -12.85
CA GLY C 31 -1.62 2.79 -12.09
C GLY C 31 -1.48 1.45 -11.40
N SER C 32 -1.68 1.39 -10.08
CA SER C 32 -1.51 0.15 -9.34
C SER C 32 -2.84 -0.45 -8.83
N GLY C 33 -3.82 -0.46 -9.70
CA GLY C 33 -5.04 -1.18 -9.44
C GLY C 33 -4.82 -2.62 -9.83
N PRO C 34 -5.90 -3.47 -9.84
CA PRO C 34 -5.65 -4.84 -10.19
C PRO C 34 -5.09 -4.96 -11.60
N ALA C 35 -5.51 -4.08 -12.49
CA ALA C 35 -5.06 -4.25 -13.86
C ALA C 35 -3.54 -4.02 -13.93
N GLY C 36 -3.06 -2.93 -13.35
CA GLY C 36 -1.62 -2.58 -13.38
C GLY C 36 -0.74 -3.54 -12.62
N MET C 37 -1.24 -4.01 -11.46
CA MET C 37 -0.50 -4.97 -10.65
C MET C 37 -0.35 -6.31 -11.34
N THR C 38 -1.38 -6.75 -12.08
CA THR C 38 -1.27 -7.94 -12.87
C THR C 38 -0.23 -7.81 -13.93
N ALA C 39 -0.29 -6.68 -14.68
CA ALA C 39 0.61 -6.48 -15.75
C ALA C 39 2.07 -6.38 -15.21
N ALA C 40 2.25 -5.61 -14.15
CA ALA C 40 3.60 -5.49 -13.58
C ALA C 40 4.13 -6.86 -13.13
N MET C 41 3.29 -7.67 -12.49
CA MET C 41 3.67 -9.04 -12.07
C MET C 41 4.16 -9.83 -13.27
N TYR C 42 3.34 -9.96 -14.29
CA TYR C 42 3.75 -10.62 -15.51
C TYR C 42 5.07 -10.04 -16.12
N THR C 43 5.21 -8.71 -16.24
CA THR C 43 6.38 -8.16 -16.96
C THR C 43 7.63 -8.36 -16.17
N ALA C 44 7.54 -8.16 -14.85
CA ALA C 44 8.65 -8.40 -13.95
C ALA C 44 9.06 -9.88 -13.88
N ARG C 45 8.11 -10.79 -13.83
CA ARG C 45 8.40 -12.24 -13.87
C ARG C 45 9.07 -12.63 -15.18
N SER C 46 8.69 -11.99 -16.26
CA SER C 46 9.37 -12.23 -17.55
C SER C 46 10.76 -11.49 -17.68
N GLU C 47 11.31 -11.04 -16.55
CA GLU C 47 12.60 -10.33 -16.51
C GLU C 47 12.58 -9.02 -17.32
N MET C 48 11.44 -8.34 -17.46
CA MET C 48 11.45 -7.05 -18.10
C MET C 48 11.68 -6.02 -16.99
N LYS C 49 12.56 -5.07 -17.25
CA LYS C 49 12.84 -4.02 -16.31
C LYS C 49 11.58 -3.19 -16.22
N THR C 50 10.94 -3.31 -15.08
CA THR C 50 9.61 -2.87 -14.89
C THR C 50 9.51 -1.77 -13.83
N LEU C 51 8.80 -0.71 -14.19
CA LEU C 51 8.42 0.37 -13.21
C LEU C 51 6.90 0.48 -13.04
N LEU C 52 6.37 0.46 -11.81
CA LEU C 52 4.99 0.67 -11.54
C LEU C 52 4.74 1.99 -10.82
N LEU C 53 4.13 2.92 -11.51
CA LEU C 53 3.86 4.23 -10.97
C LEU C 53 2.42 4.32 -10.40
N GLU C 54 2.29 5.04 -9.29
CA GLU C 54 1.01 5.19 -8.65
C GLU C 54 0.99 6.50 -7.88
N ARG C 55 -0.10 7.23 -8.01
CA ARG C 55 -0.24 8.52 -7.28
C ARG C 55 -0.99 8.43 -5.99
N GLY C 56 -1.73 7.34 -5.80
CA GLY C 56 -2.42 7.14 -4.55
C GLY C 56 -1.88 5.89 -3.93
N VAL C 57 -2.74 4.89 -3.78
CA VAL C 57 -2.50 3.74 -2.93
C VAL C 57 -2.63 2.51 -3.79
N PRO C 58 -1.71 1.56 -3.72
CA PRO C 58 -1.96 0.32 -4.45
C PRO C 58 -3.32 -0.37 -4.17
N GLY C 59 -3.97 -0.79 -5.26
CA GLY C 59 -5.27 -1.46 -5.25
C GLY C 59 -6.37 -0.69 -5.92
N GLY C 60 -6.14 0.63 -6.04
CA GLY C 60 -7.09 1.44 -6.72
C GLY C 60 -8.47 1.28 -6.13
N GLN C 61 -9.45 1.11 -6.97
CA GLN C 61 -10.85 1.13 -6.55
C GLN C 61 -11.18 0.03 -5.57
N MET C 62 -10.41 -1.09 -5.58
CA MET C 62 -10.63 -2.17 -4.66
C MET C 62 -10.48 -1.67 -3.24
N ASN C 63 -9.71 -0.61 -3.01
CA ASN C 63 -9.59 -0.07 -1.66
C ASN C 63 -10.86 0.63 -1.11
N ASN C 64 -11.77 0.99 -2.01
CA ASN C 64 -13.04 1.61 -1.60
C ASN C 64 -14.17 0.62 -1.58
N THR C 65 -13.86 -0.67 -1.56
CA THR C 65 -14.83 -1.77 -1.75
C THR C 65 -14.78 -2.58 -0.47
N ALA C 66 -15.96 -2.97 0.03
CA ALA C 66 -15.98 -3.95 1.12
C ALA C 66 -15.95 -5.41 0.57
N GLU C 67 -17.03 -6.16 0.73
CA GLU C 67 -16.97 -7.57 0.40
C GLU C 67 -16.96 -7.71 -1.09
N ILE C 68 -16.10 -8.57 -1.58
CA ILE C 68 -16.04 -8.93 -2.99
C ILE C 68 -16.35 -10.42 -3.01
N GLU C 69 -17.37 -10.81 -3.73
CA GLU C 69 -17.72 -12.20 -3.82
C GLU C 69 -17.57 -12.77 -5.24
N ASN C 70 -17.14 -11.97 -6.18
CA ASN C 70 -16.99 -12.52 -7.53
C ASN C 70 -15.59 -12.51 -8.13
N TYR C 71 -14.59 -12.53 -7.27
CA TYR C 71 -13.23 -12.77 -7.74
C TYR C 71 -12.93 -14.25 -7.50
N PRO C 72 -12.83 -15.01 -8.58
CA PRO C 72 -12.53 -16.45 -8.45
C PRO C 72 -11.24 -16.77 -7.63
N GLY C 73 -11.37 -17.70 -6.70
CA GLY C 73 -10.27 -17.98 -5.79
C GLY C 73 -10.63 -17.60 -4.37
N TYR C 74 -11.50 -16.64 -4.23
CA TYR C 74 -11.99 -16.26 -2.90
C TYR C 74 -13.50 -16.28 -2.86
N GLU C 75 -14.04 -17.03 -1.95
CA GLU C 75 -15.45 -16.96 -1.75
C GLU C 75 -15.92 -15.57 -1.32
N THR C 76 -15.20 -14.97 -0.41
CA THR C 76 -15.37 -13.62 -0.08
C THR C 76 -14.00 -13.10 0.36
N ILE C 77 -13.79 -11.83 0.09
CA ILE C 77 -12.59 -11.14 0.53
C ILE C 77 -12.90 -9.64 0.45
N MET C 78 -12.31 -8.90 1.35
CA MET C 78 -12.52 -7.48 1.44
C MET C 78 -11.64 -6.80 0.39
N GLY C 79 -12.07 -5.66 -0.10
CA GLY C 79 -11.29 -4.91 -1.09
C GLY C 79 -9.87 -4.65 -0.66
N PRO C 80 -9.66 -4.17 0.58
CA PRO C 80 -8.25 -3.82 0.97
C PRO C 80 -7.42 -5.03 1.15
N GLU C 81 -8.07 -6.12 1.50
CA GLU C 81 -7.37 -7.40 1.64
C GLU C 81 -6.89 -7.89 0.32
N LEU C 82 -7.76 -7.86 -0.68
CA LEU C 82 -7.35 -8.25 -2.04
C LEU C 82 -6.26 -7.33 -2.67
N SER C 83 -6.34 -6.03 -2.36
CA SER C 83 -5.29 -5.09 -2.78
C SER C 83 -3.93 -5.53 -2.21
N MET C 84 -3.87 -5.90 -0.92
CA MET C 84 -2.61 -6.27 -0.33
C MET C 84 -2.13 -7.60 -0.90
N LYS C 85 -3.07 -8.53 -1.15
CA LYS C 85 -2.67 -9.86 -1.65
C LYS C 85 -2.04 -9.68 -2.97
N MET C 86 -2.63 -8.74 -3.77
CA MET C 86 -2.14 -8.52 -5.15
C MET C 86 -0.80 -7.75 -5.16
N ALA C 87 -0.61 -6.79 -4.24
CA ALA C 87 0.63 -6.00 -4.23
C ALA C 87 1.84 -6.77 -3.66
N GLU C 88 1.58 -7.73 -2.78
CA GLU C 88 2.59 -8.30 -1.92
C GLU C 88 3.75 -8.96 -2.69
N PRO C 89 3.45 -9.70 -3.75
CA PRO C 89 4.59 -10.38 -4.41
C PRO C 89 5.45 -9.43 -5.27
N LEU C 90 5.08 -8.18 -5.42
CA LEU C 90 5.55 -7.43 -6.63
C LEU C 90 6.99 -7.06 -6.50
N GLU C 91 7.41 -6.69 -5.32
CA GLU C 91 8.79 -6.35 -5.11
C GLU C 91 9.77 -7.51 -5.22
N GLY C 92 9.45 -8.67 -4.67
CA GLY C 92 10.32 -9.87 -4.79
C GLY C 92 10.39 -10.33 -6.24
N LEU C 93 9.41 -10.00 -7.08
CA LEU C 93 9.48 -10.35 -8.53
C LEU C 93 10.30 -9.35 -9.34
N GLY C 94 10.73 -8.26 -8.71
CA GLY C 94 11.57 -7.29 -9.37
C GLY C 94 10.86 -6.01 -9.85
N VAL C 95 9.59 -5.85 -9.52
CA VAL C 95 8.89 -4.60 -9.79
C VAL C 95 9.47 -3.46 -8.96
N GLU C 96 9.88 -2.41 -9.66
CA GLU C 96 10.18 -1.16 -9.00
C GLU C 96 8.89 -0.28 -8.85
N ASN C 97 8.38 -0.22 -7.65
CA ASN C 97 7.25 0.68 -7.32
C ASN C 97 7.84 2.06 -7.15
N ALA C 98 7.14 3.07 -7.69
CA ALA C 98 7.53 4.44 -7.45
C ALA C 98 6.26 5.30 -7.35
N TYR C 99 6.34 6.35 -6.57
CA TYR C 99 5.29 7.34 -6.49
C TYR C 99 5.35 8.21 -7.76
N GLY C 100 4.22 8.48 -8.35
CA GLY C 100 4.21 9.35 -9.52
C GLY C 100 2.77 9.74 -9.80
N PHE C 101 2.55 11.01 -10.11
CA PHE C 101 1.28 11.50 -10.62
C PHE C 101 1.59 11.82 -12.08
N VAL C 102 1.23 10.88 -12.98
CA VAL C 102 1.57 11.04 -14.44
C VAL C 102 0.74 12.12 -15.21
N THR C 103 1.43 13.16 -15.73
CA THR C 103 0.76 14.32 -16.39
C THR C 103 0.86 14.30 -17.91
N GLY C 104 1.89 13.64 -18.41
CA GLY C 104 2.11 13.55 -19.83
C GLY C 104 2.98 12.40 -20.29
N ILE C 105 2.97 12.14 -21.60
CA ILE C 105 3.66 11.02 -22.24
C ILE C 105 4.13 11.52 -23.61
N GLU C 106 5.42 11.40 -23.91
CA GLU C 106 5.91 11.79 -25.25
C GLU C 106 6.45 10.53 -25.90
N ASP C 107 6.08 10.31 -27.15
CA ASP C 107 6.61 9.18 -27.93
C ASP C 107 7.73 9.67 -28.78
N HIS C 108 8.88 9.00 -28.68
CA HIS C 108 10.03 9.36 -29.49
C HIS C 108 10.41 8.16 -30.35
N GLY C 109 9.44 7.30 -30.64
CA GLY C 109 9.69 6.15 -31.50
C GLY C 109 10.39 4.98 -30.85
N ASP C 110 11.68 5.14 -30.62
CA ASP C 110 12.50 4.13 -29.99
C ASP C 110 12.21 4.01 -28.51
N TYR C 111 11.77 5.10 -27.89
CA TYR C 111 11.46 5.15 -26.49
C TYR C 111 10.29 6.10 -26.35
N LYS C 112 9.72 6.11 -25.15
CA LYS C 112 8.72 7.09 -24.79
C LYS C 112 9.17 7.76 -23.52
N LYS C 113 8.69 8.97 -23.28
CA LYS C 113 9.00 9.71 -22.07
C LYS C 113 7.74 9.89 -21.27
N ILE C 114 7.78 9.55 -19.98
CA ILE C 114 6.67 9.77 -19.05
C ILE C 114 7.02 10.91 -18.10
N ILE C 115 6.11 11.86 -18.00
CA ILE C 115 6.33 13.09 -17.28
C ILE C 115 5.44 12.98 -16.10
N THR C 116 5.99 13.12 -14.90
CA THR C 116 5.21 13.23 -13.68
C THR C 116 5.43 14.61 -13.10
N GLU C 117 4.81 14.90 -11.97
CA GLU C 117 4.87 16.27 -11.48
C GLU C 117 6.29 16.65 -11.08
N ASP C 118 7.11 15.72 -10.62
CA ASP C 118 8.51 16.03 -10.25
C ASP C 118 9.54 15.21 -10.94
N ASP C 119 9.17 14.46 -11.98
CA ASP C 119 10.14 13.57 -12.55
C ASP C 119 9.88 13.27 -14.01
N GLU C 120 10.81 12.55 -14.63
CA GLU C 120 10.62 12.02 -15.97
C GLU C 120 11.14 10.60 -16.01
N PHE C 121 10.48 9.72 -16.76
CA PHE C 121 10.99 8.36 -16.97
C PHE C 121 11.10 8.02 -18.49
N ILE C 122 12.08 7.21 -18.84
CA ILE C 122 12.30 6.76 -20.23
C ILE C 122 11.94 5.28 -20.25
N THR C 123 11.21 4.86 -21.27
CA THR C 123 10.84 3.47 -21.37
C THR C 123 10.60 3.04 -22.82
N LYS C 124 10.78 1.77 -23.08
CA LYS C 124 10.52 1.24 -24.39
C LYS C 124 9.03 1.07 -24.62
N SER C 125 8.28 0.77 -23.57
CA SER C 125 6.82 0.57 -23.70
C SER C 125 6.05 1.07 -22.48
N ILE C 126 4.72 1.18 -22.61
CA ILE C 126 3.92 1.75 -21.54
C ILE C 126 2.62 0.98 -21.51
N ILE C 127 2.17 0.61 -20.30
CA ILE C 127 0.89 0.00 -20.09
C ILE C 127 0.05 0.93 -19.19
N ILE C 128 -1.01 1.48 -19.76
CA ILE C 128 -1.79 2.51 -19.05
C ILE C 128 -2.89 1.81 -18.28
N ALA C 129 -2.89 2.01 -16.98
CA ALA C 129 -3.79 1.23 -16.13
C ALA C 129 -4.45 2.14 -15.07
N THR C 130 -4.99 3.28 -15.50
CA THR C 130 -5.34 4.35 -14.57
C THR C 130 -6.81 4.41 -14.16
N GLY C 131 -7.58 3.47 -14.67
CA GLY C 131 -8.94 3.31 -14.19
C GLY C 131 -9.99 4.30 -14.63
N ALA C 132 -11.00 4.38 -13.78
CA ALA C 132 -12.24 5.13 -14.06
C ALA C 132 -12.65 5.74 -12.77
N ASN C 133 -13.50 6.75 -12.79
CA ASN C 133 -13.99 7.28 -11.53
C ASN C 133 -15.52 7.35 -11.49
N HIS C 134 -16.10 6.75 -10.46
CA HIS C 134 -17.56 6.85 -10.22
C HIS C 134 -17.86 8.12 -9.45
N ARG C 135 -18.57 9.01 -10.10
CA ARG C 135 -18.93 10.26 -9.48
C ARG C 135 -19.80 9.92 -8.28
N LYS C 136 -19.57 10.60 -7.17
CA LYS C 136 -20.34 10.41 -5.95
C LYS C 136 -21.48 11.43 -5.83
N LEU C 137 -22.43 11.13 -4.95
CA LEU C 137 -23.51 12.05 -4.61
C LEU C 137 -23.04 13.18 -3.72
N GLU C 138 -22.15 12.88 -2.79
CA GLU C 138 -21.65 13.88 -1.82
C GLU C 138 -22.76 14.43 -0.92
N ILE C 139 -23.44 13.49 -0.29
CA ILE C 139 -24.49 13.73 0.70
C ILE C 139 -24.23 12.95 2.00
N PRO C 140 -24.67 13.51 3.13
CA PRO C 140 -24.52 12.75 4.35
C PRO C 140 -25.00 11.24 4.22
N GLY C 141 -24.25 10.29 4.75
CA GLY C 141 -24.63 8.87 4.75
C GLY C 141 -24.03 7.99 3.66
N GLU C 142 -23.59 8.62 2.59
CA GLU C 142 -23.17 7.92 1.42
C GLU C 142 -21.94 7.05 1.78
N GLU C 143 -20.98 7.69 2.45
CA GLU C 143 -19.78 7.04 2.88
C GLU C 143 -20.07 6.11 4.06
N GLU C 144 -20.82 6.61 5.05
CA GLU C 144 -21.11 5.85 6.25
C GLU C 144 -21.68 4.48 5.92
N TYR C 145 -22.54 4.44 4.89
CA TYR C 145 -23.22 3.21 4.52
C TYR C 145 -22.67 2.54 3.24
N GLY C 146 -21.51 2.99 2.78
CA GLY C 146 -20.81 2.40 1.65
C GLY C 146 -20.55 0.92 1.92
N ALA C 147 -21.02 0.05 1.04
CA ALA C 147 -21.11 -1.41 1.32
C ALA C 147 -21.97 -1.85 2.50
N ARG C 148 -22.83 -0.96 2.98
CA ARG C 148 -23.81 -1.30 4.01
C ARG C 148 -25.18 -0.97 3.44
N GLY C 149 -25.28 -0.95 2.10
CA GLY C 149 -26.48 -0.44 1.42
C GLY C 149 -26.21 0.53 0.30
N VAL C 150 -25.05 1.18 0.26
CA VAL C 150 -24.80 2.10 -0.84
C VAL C 150 -23.93 1.40 -1.82
N SER C 151 -24.22 1.48 -3.13
CA SER C 151 -23.38 0.83 -4.11
C SER C 151 -23.32 1.54 -5.47
N TYR C 152 -22.27 1.24 -6.21
CA TYR C 152 -22.04 1.84 -7.50
C TYR C 152 -21.99 0.83 -8.62
N CYS C 153 -22.31 -0.43 -8.32
CA CYS C 153 -22.15 -1.54 -9.26
C CYS C 153 -23.13 -2.70 -8.93
N ALA C 154 -24.13 -2.86 -9.80
CA ALA C 154 -25.17 -3.85 -9.58
C ALA C 154 -24.69 -5.27 -9.81
N VAL C 155 -23.88 -5.50 -10.83
CA VAL C 155 -23.33 -6.84 -11.03
C VAL C 155 -22.48 -7.25 -9.81
N CYS C 156 -21.77 -6.27 -9.23
CA CYS C 156 -21.08 -6.49 -7.97
C CYS C 156 -22.01 -6.85 -6.81
N ASP C 157 -23.03 -6.04 -6.56
CA ASP C 157 -23.71 -6.00 -5.25
C ASP C 157 -25.21 -6.39 -5.19
N GLY C 158 -25.82 -6.43 -6.36
CA GLY C 158 -27.27 -6.54 -6.49
C GLY C 158 -27.79 -7.77 -5.78
N ALA C 159 -27.00 -8.85 -5.88
CA ALA C 159 -27.24 -10.08 -5.14
C ALA C 159 -27.57 -9.89 -3.65
N PHE C 160 -26.92 -8.95 -3.00
CA PHE C 160 -27.17 -8.68 -1.55
C PHE C 160 -28.56 -8.12 -1.24
N PHE C 161 -29.39 -7.83 -2.22
CA PHE C 161 -30.63 -7.08 -1.91
C PHE C 161 -31.86 -7.78 -2.41
N ARG C 162 -31.86 -9.10 -2.39
CA ARG C 162 -33.02 -9.88 -2.75
C ARG C 162 -34.28 -9.44 -1.99
N ASN C 163 -35.35 -9.21 -2.71
CA ASN C 163 -36.64 -8.82 -2.14
C ASN C 163 -36.67 -7.53 -1.34
N GLN C 164 -35.63 -6.71 -1.48
CA GLN C 164 -35.61 -5.39 -0.85
C GLN C 164 -36.11 -4.25 -1.76
N GLU C 165 -36.46 -3.13 -1.15
CA GLU C 165 -36.80 -1.91 -1.91
C GLU C 165 -35.50 -1.23 -2.32
N ILE C 166 -35.25 -1.17 -3.63
CA ILE C 166 -34.01 -0.64 -4.19
C ILE C 166 -34.22 0.70 -4.88
N LEU C 167 -33.31 1.64 -4.58
CA LEU C 167 -33.26 2.92 -5.19
C LEU C 167 -32.08 3.05 -6.16
N VAL C 168 -32.36 3.51 -7.37
CA VAL C 168 -31.32 3.80 -8.34
C VAL C 168 -31.35 5.29 -8.63
N ILE C 169 -30.17 5.92 -8.57
CA ILE C 169 -30.04 7.36 -8.88
C ILE C 169 -29.36 7.61 -10.21
N GLY C 170 -30.05 8.33 -11.08
CA GLY C 170 -29.54 8.64 -12.40
C GLY C 170 -30.62 8.48 -13.45
N GLY C 171 -30.37 9.02 -14.64
CA GLY C 171 -31.29 8.92 -15.77
C GLY C 171 -30.71 8.48 -17.10
N GLY C 172 -29.43 8.11 -17.14
CA GLY C 172 -28.81 7.64 -18.40
C GLY C 172 -28.87 6.13 -18.61
N ASP C 173 -28.09 5.64 -19.57
CA ASP C 173 -28.11 4.22 -19.97
C ASP C 173 -27.75 3.34 -18.79
N SER C 174 -26.78 3.79 -18.04
CA SER C 174 -26.29 3.06 -16.93
C SER C 174 -27.33 2.95 -15.79
N ALA C 175 -27.93 4.07 -15.38
CA ALA C 175 -28.93 4.00 -14.32
C ALA C 175 -30.06 3.04 -14.72
N VAL C 176 -30.57 3.20 -15.91
CA VAL C 176 -31.77 2.48 -16.28
C VAL C 176 -31.46 1.01 -16.56
N GLU C 177 -30.29 0.72 -17.14
CA GLU C 177 -29.94 -0.66 -17.40
C GLU C 177 -29.67 -1.39 -16.12
N GLU C 178 -28.98 -0.75 -15.20
CA GLU C 178 -28.72 -1.37 -13.90
C GLU C 178 -30.01 -1.55 -13.10
N ALA C 179 -30.94 -0.60 -13.23
CA ALA C 179 -32.28 -0.72 -12.59
C ALA C 179 -32.98 -1.97 -13.04
N LEU C 180 -33.03 -2.15 -14.36
CA LEU C 180 -33.61 -3.32 -14.97
C LEU C 180 -32.93 -4.64 -14.49
N TYR C 181 -31.59 -4.63 -14.42
CA TYR C 181 -30.84 -5.73 -13.85
C TYR C 181 -31.31 -5.99 -12.42
N LEU C 182 -31.42 -4.91 -11.65
CA LEU C 182 -31.72 -4.99 -10.21
C LEU C 182 -33.13 -5.46 -9.90
N THR C 183 -33.99 -5.47 -10.89
CA THR C 183 -35.36 -5.99 -10.69
C THR C 183 -35.38 -7.50 -10.63
N ARG C 184 -34.25 -8.16 -10.91
CA ARG C 184 -34.13 -9.60 -10.66
C ARG C 184 -33.93 -9.91 -9.19
N PHE C 185 -33.62 -8.90 -8.38
CA PHE C 185 -33.39 -9.13 -6.95
C PHE C 185 -34.46 -8.47 -6.10
N GLY C 186 -34.57 -7.16 -6.24
CA GLY C 186 -35.41 -6.40 -5.40
C GLY C 186 -36.88 -6.71 -5.62
N GLN C 187 -37.67 -6.41 -4.60
CA GLN C 187 -39.12 -6.44 -4.68
C GLN C 187 -39.55 -5.33 -5.64
N SER C 188 -38.89 -4.18 -5.52
CA SER C 188 -39.11 -3.07 -6.39
C SER C 188 -37.80 -2.26 -6.59
N VAL C 189 -37.70 -1.61 -7.74
CA VAL C 189 -36.61 -0.71 -8.07
C VAL C 189 -37.19 0.66 -8.39
N THR C 190 -36.69 1.68 -7.72
CA THR C 190 -37.12 3.05 -7.98
C THR C 190 -36.00 3.85 -8.63
N ILE C 191 -36.29 4.49 -9.75
CA ILE C 191 -35.34 5.40 -10.38
C ILE C 191 -35.68 6.83 -10.01
N MET C 192 -34.73 7.46 -9.33
CA MET C 192 -34.80 8.86 -9.01
C MET C 192 -33.87 9.68 -9.88
N HIS C 193 -34.45 10.53 -10.72
CA HIS C 193 -33.72 11.37 -11.60
C HIS C 193 -34.09 12.84 -11.35
N ARG C 194 -33.09 13.69 -11.51
CA ARG C 194 -33.19 15.12 -11.25
C ARG C 194 -34.04 15.90 -12.27
N ARG C 195 -34.32 15.33 -13.45
CA ARG C 195 -35.14 15.97 -14.49
C ARG C 195 -36.48 15.20 -14.67
N ASP C 196 -37.32 15.66 -15.60
CA ASP C 196 -38.71 15.12 -15.78
C ASP C 196 -38.87 13.99 -16.83
N LYS C 197 -37.75 13.58 -17.42
CA LYS C 197 -37.68 12.44 -18.37
C LYS C 197 -36.24 11.94 -18.39
N LEU C 198 -35.99 10.82 -19.05
CA LEU C 198 -34.68 10.16 -19.06
C LEU C 198 -33.76 10.52 -20.23
N ARG C 199 -32.45 10.39 -20.02
CA ARG C 199 -31.43 10.51 -21.08
C ARG C 199 -31.05 9.19 -21.74
N ALA C 200 -31.60 8.07 -21.25
CA ALA C 200 -31.23 6.75 -21.75
C ALA C 200 -31.78 6.48 -23.13
N GLN C 201 -31.11 5.58 -23.84
CA GLN C 201 -31.54 5.19 -25.17
C GLN C 201 -32.97 4.66 -25.15
N GLU C 202 -33.69 5.00 -26.21
CA GLU C 202 -35.09 4.67 -26.37
C GLU C 202 -35.41 3.20 -26.14
N ILE C 203 -34.57 2.28 -26.63
CA ILE C 203 -34.82 0.84 -26.43
C ILE C 203 -34.73 0.47 -24.93
N ILE C 204 -33.77 1.07 -24.24
CA ILE C 204 -33.54 0.84 -22.80
C ILE C 204 -34.70 1.44 -22.01
N GLN C 205 -35.15 2.61 -22.45
CA GLN C 205 -36.29 3.28 -21.81
C GLN C 205 -37.57 2.48 -21.94
N GLN C 206 -37.88 2.05 -23.17
CA GLN C 206 -39.02 1.17 -23.42
C GLN C 206 -38.98 -0.06 -22.56
N ARG C 207 -37.80 -0.63 -22.34
CA ARG C 207 -37.71 -1.77 -21.44
C ARG C 207 -38.16 -1.34 -20.05
N ALA C 208 -37.66 -0.18 -19.62
CA ALA C 208 -37.99 0.32 -18.29
C ALA C 208 -39.47 0.51 -18.11
N PHE C 209 -40.12 1.11 -19.10
CA PHE C 209 -41.57 1.40 -18.97
C PHE C 209 -42.43 0.15 -18.98
N LYS C 210 -41.99 -0.90 -19.65
CA LYS C 210 -42.74 -2.17 -19.66
C LYS C 210 -42.53 -3.02 -18.40
N GLU C 211 -41.53 -2.67 -17.58
CA GLU C 211 -41.18 -3.42 -16.38
C GLU C 211 -41.93 -2.84 -15.15
N GLU C 212 -42.83 -3.65 -14.59
CA GLU C 212 -43.73 -3.20 -13.55
C GLU C 212 -43.04 -2.96 -12.22
N LYS C 213 -42.01 -3.75 -11.92
CA LYS C 213 -41.22 -3.59 -10.67
C LYS C 213 -40.39 -2.29 -10.65
N ILE C 214 -40.31 -1.60 -11.78
CA ILE C 214 -39.71 -0.25 -11.85
C ILE C 214 -40.76 0.85 -11.73
N ASN C 215 -40.47 1.80 -10.85
CA ASN C 215 -41.15 3.10 -10.82
C ASN C 215 -40.14 4.25 -10.77
N PHE C 216 -40.65 5.48 -10.93
CA PHE C 216 -39.86 6.66 -11.08
C PHE C 216 -40.20 7.75 -10.09
N ILE C 217 -39.16 8.39 -9.56
CA ILE C 217 -39.32 9.65 -8.87
C ILE C 217 -38.61 10.67 -9.74
N TRP C 218 -39.34 11.68 -10.18
CA TRP C 218 -38.81 12.67 -11.12
C TRP C 218 -38.38 13.94 -10.43
N ASP C 219 -37.59 14.75 -11.13
CA ASP C 219 -37.31 16.10 -10.68
C ASP C 219 -36.82 16.08 -9.26
N SER C 220 -36.02 15.05 -8.91
CA SER C 220 -35.62 14.89 -7.52
C SER C 220 -34.16 14.52 -7.33
N VAL C 221 -33.61 14.94 -6.21
CA VAL C 221 -32.25 14.49 -5.86
C VAL C 221 -32.23 14.03 -4.40
N PRO C 222 -31.44 13.00 -4.11
CA PRO C 222 -31.30 12.56 -2.74
C PRO C 222 -30.55 13.60 -1.89
N MET C 223 -30.93 13.67 -0.61
CA MET C 223 -30.44 14.65 0.31
C MET C 223 -29.68 13.93 1.40
N GLU C 224 -30.15 12.80 1.85
CA GLU C 224 -29.43 12.13 2.91
C GLU C 224 -29.72 10.63 2.90
N ILE C 225 -28.67 9.83 3.04
CA ILE C 225 -28.84 8.37 3.18
C ILE C 225 -28.81 8.08 4.67
N LYS C 226 -29.87 7.42 5.19
CA LYS C 226 -30.05 7.21 6.64
C LYS C 226 -30.26 5.74 6.97
N GLY C 227 -29.88 5.37 8.19
CA GLY C 227 -30.13 4.02 8.64
C GLY C 227 -29.81 3.88 10.09
N ASP C 228 -29.50 2.66 10.50
CA ASP C 228 -29.06 2.44 11.87
C ASP C 228 -27.53 2.27 11.86
N ASP C 229 -26.95 1.73 12.92
CA ASP C 229 -25.48 1.60 12.93
C ASP C 229 -25.04 0.64 11.82
N LYS C 230 -25.91 -0.31 11.47
CA LYS C 230 -25.53 -1.39 10.57
C LYS C 230 -25.87 -1.20 9.10
N LYS C 231 -27.09 -0.76 8.78
CA LYS C 231 -27.55 -0.74 7.39
C LYS C 231 -28.51 0.40 7.07
N ILE C 232 -28.63 0.73 5.79
CA ILE C 232 -29.59 1.75 5.34
C ILE C 232 -31.02 1.36 5.69
N GLN C 233 -31.78 2.35 6.12
CA GLN C 233 -33.23 2.22 6.32
C GLN C 233 -34.05 3.15 5.43
N SER C 234 -33.52 4.34 5.16
CA SER C 234 -34.24 5.34 4.36
C SER C 234 -33.32 6.35 3.65
N VAL C 235 -33.93 7.11 2.74
CA VAL C 235 -33.34 8.16 1.96
C VAL C 235 -34.28 9.38 2.00
N VAL C 236 -33.73 10.55 2.33
CA VAL C 236 -34.44 11.80 2.27
C VAL C 236 -34.04 12.46 0.95
N TYR C 237 -35.02 12.97 0.22
CA TYR C 237 -34.76 13.58 -1.07
C TYR C 237 -35.69 14.76 -1.25
N LYS C 238 -35.40 15.54 -2.27
CA LYS C 238 -35.99 16.86 -2.46
C LYS C 238 -36.28 16.97 -3.93
N ASN C 239 -37.46 17.53 -4.21
CA ASN C 239 -37.89 17.87 -5.53
C ASN C 239 -37.24 19.18 -5.83
N VAL C 240 -36.47 19.23 -6.90
CA VAL C 240 -35.67 20.40 -7.22
C VAL C 240 -36.52 21.57 -7.71
N LYS C 241 -37.66 21.30 -8.36
CA LYS C 241 -38.58 22.33 -8.79
C LYS C 241 -39.30 22.89 -7.59
N THR C 242 -40.04 22.05 -6.88
CA THR C 242 -40.98 22.50 -5.85
C THR C 242 -40.40 22.74 -4.44
N GLY C 243 -39.18 22.27 -4.18
CA GLY C 243 -38.58 22.34 -2.83
C GLY C 243 -39.06 21.28 -1.82
N GLU C 244 -39.98 20.44 -2.26
CA GLU C 244 -40.67 19.52 -1.37
C GLU C 244 -39.73 18.35 -0.96
N VAL C 245 -39.58 18.16 0.36
CA VAL C 245 -38.74 17.12 0.95
C VAL C 245 -39.59 15.92 1.39
N THR C 246 -39.05 14.72 1.18
CA THR C 246 -39.75 13.46 1.40
C THR C 246 -38.70 12.47 1.92
N GLU C 247 -39.14 11.60 2.82
CA GLU C 247 -38.37 10.42 3.22
C GLU C 247 -39.12 9.15 2.85
N LYS C 248 -38.40 8.16 2.27
CA LYS C 248 -38.92 6.84 1.99
C LYS C 248 -37.96 5.78 2.48
N ALA C 249 -38.54 4.62 2.81
CA ALA C 249 -37.77 3.43 3.13
C ALA C 249 -37.06 2.84 1.89
N PHE C 250 -35.76 2.62 1.98
CA PHE C 250 -35.10 1.84 0.92
C PHE C 250 -34.12 0.95 1.63
N GLY C 251 -33.85 -0.21 1.06
CA GLY C 251 -32.80 -1.08 1.60
C GLY C 251 -31.48 -0.97 0.89
N GLY C 252 -31.46 -0.31 -0.26
CA GLY C 252 -30.25 -0.23 -0.99
C GLY C 252 -30.37 0.86 -2.03
N ILE C 253 -29.23 1.53 -2.25
CA ILE C 253 -29.13 2.66 -3.13
C ILE C 253 -27.94 2.39 -4.05
N PHE C 254 -28.19 2.48 -5.34
CA PHE C 254 -27.21 2.28 -6.37
C PHE C 254 -27.13 3.59 -7.13
N ILE C 255 -25.92 4.10 -7.28
CA ILE C 255 -25.67 5.43 -7.77
C ILE C 255 -24.95 5.41 -9.12
N TYR C 256 -25.59 6.10 -10.09
CA TYR C 256 -25.13 6.23 -11.47
C TYR C 256 -25.30 7.62 -11.92
N VAL C 257 -24.48 8.51 -11.37
CA VAL C 257 -24.52 9.92 -11.73
C VAL C 257 -23.22 10.24 -12.44
N GLY C 258 -22.68 9.27 -13.16
CA GLY C 258 -21.54 9.52 -14.01
C GLY C 258 -20.37 8.64 -13.68
N LEU C 259 -19.70 8.21 -14.74
CA LEU C 259 -18.50 7.39 -14.71
C LEU C 259 -17.53 8.01 -15.70
N ASP C 260 -16.35 8.47 -15.21
CA ASP C 260 -15.35 9.13 -16.04
C ASP C 260 -14.08 8.32 -16.16
N PRO C 261 -13.47 8.28 -17.37
CA PRO C 261 -12.12 7.66 -17.48
C PRO C 261 -11.12 8.53 -16.74
N VAL C 262 -10.06 7.93 -16.21
CA VAL C 262 -9.02 8.71 -15.57
C VAL C 262 -7.78 8.61 -16.50
N ALA C 263 -7.68 9.57 -17.40
CA ALA C 263 -6.63 9.51 -18.42
C ALA C 263 -6.31 10.91 -18.99
N GLU C 264 -6.28 11.89 -18.12
CA GLU C 264 -6.10 13.29 -18.51
C GLU C 264 -4.84 13.41 -19.37
N PHE C 265 -3.80 12.71 -18.89
CA PHE C 265 -2.45 12.75 -19.44
C PHE C 265 -2.29 12.11 -20.82
N VAL C 266 -3.36 11.56 -21.40
CA VAL C 266 -3.29 11.12 -22.78
C VAL C 266 -4.13 11.94 -23.75
N SER C 267 -4.83 12.95 -23.25
CA SER C 267 -5.95 13.59 -23.96
C SER C 267 -5.58 14.04 -25.39
N ASP C 268 -4.33 14.46 -25.57
CA ASP C 268 -3.87 14.96 -26.86
C ASP C 268 -3.24 13.88 -27.78
N LEU C 269 -3.16 12.62 -27.32
CA LEU C 269 -2.37 11.61 -28.03
C LEU C 269 -3.11 10.93 -29.19
N GLY C 270 -4.42 11.11 -29.24
CA GLY C 270 -5.24 10.53 -30.30
C GLY C 270 -5.59 9.07 -30.13
N ILE C 271 -5.63 8.61 -28.88
CA ILE C 271 -5.87 7.18 -28.60
C ILE C 271 -7.15 6.95 -27.80
N THR C 272 -7.98 7.99 -27.73
CA THR C 272 -9.18 8.00 -26.91
C THR C 272 -10.47 8.13 -27.76
N ASP C 273 -11.60 7.72 -27.19
CA ASP C 273 -12.92 8.04 -27.78
C ASP C 273 -13.46 9.38 -27.30
N GLU C 274 -14.71 9.69 -27.67
CA GLU C 274 -15.41 10.94 -27.35
C GLU C 274 -15.37 11.35 -25.90
N ALA C 275 -15.75 10.40 -25.01
CA ALA C 275 -15.80 10.63 -23.58
C ALA C 275 -14.43 10.58 -22.96
N GLY C 276 -13.43 10.15 -23.73
CA GLY C 276 -12.06 10.04 -23.22
C GLY C 276 -11.60 8.63 -22.84
N TRP C 277 -12.37 7.58 -23.16
CA TRP C 277 -11.87 6.21 -22.94
C TRP C 277 -10.74 5.81 -23.91
N ILE C 278 -9.83 5.01 -23.43
CA ILE C 278 -8.74 4.55 -24.27
C ILE C 278 -9.15 3.39 -25.21
N ILE C 279 -8.97 3.60 -26.51
CA ILE C 279 -9.37 2.63 -27.48
C ILE C 279 -8.20 1.68 -27.62
N THR C 280 -8.49 0.38 -27.56
CA THR C 280 -7.44 -0.61 -27.81
C THR C 280 -8.00 -1.71 -28.69
N ASP C 281 -7.13 -2.53 -29.26
CA ASP C 281 -7.61 -3.76 -29.92
C ASP C 281 -7.68 -4.89 -28.88
N ASP C 282 -8.00 -6.10 -29.31
CA ASP C 282 -8.21 -7.18 -28.34
C ASP C 282 -6.89 -7.55 -27.63
N HIS C 283 -5.75 -7.01 -28.08
CA HIS C 283 -4.48 -7.28 -27.48
C HIS C 283 -4.01 -6.15 -26.62
N MET C 284 -4.94 -5.25 -26.28
CA MET C 284 -4.63 -4.11 -25.43
C MET C 284 -3.69 -3.09 -26.13
N ARG C 285 -3.53 -3.19 -27.46
CA ARG C 285 -2.71 -2.23 -28.22
C ARG C 285 -3.55 -0.99 -28.52
N THR C 286 -3.01 0.20 -28.24
CA THR C 286 -3.62 1.45 -28.72
C THR C 286 -3.12 1.62 -30.15
N ASN C 287 -3.56 2.67 -30.84
CA ASN C 287 -2.94 3.01 -32.14
C ASN C 287 -1.48 3.49 -32.05
N ILE C 288 -0.92 3.70 -30.84
CA ILE C 288 0.51 4.05 -30.78
C ILE C 288 1.36 2.83 -30.43
N PRO C 289 2.21 2.40 -31.35
CA PRO C 289 3.12 1.28 -31.04
C PRO C 289 3.82 1.38 -29.69
N GLY C 290 3.73 0.34 -28.87
CA GLY C 290 4.39 0.34 -27.55
C GLY C 290 3.59 1.00 -26.45
N ILE C 291 2.39 1.45 -26.78
CA ILE C 291 1.50 1.97 -25.81
C ILE C 291 0.31 1.02 -25.76
N PHE C 292 0.12 0.45 -24.57
CA PHE C 292 -1.00 -0.48 -24.28
C PHE C 292 -1.81 0.12 -23.15
N ALA C 293 -3.09 -0.22 -23.11
CA ALA C 293 -4.00 0.15 -22.04
C ALA C 293 -4.83 -1.06 -21.58
N VAL C 294 -5.09 -1.13 -20.28
CA VAL C 294 -5.76 -2.28 -19.67
C VAL C 294 -6.78 -1.78 -18.63
N GLY C 295 -7.82 -2.60 -18.39
CA GLY C 295 -8.64 -2.40 -17.20
C GLY C 295 -9.68 -1.38 -17.46
N ASP C 296 -10.18 -0.80 -16.39
CA ASP C 296 -11.36 0.09 -16.49
C ASP C 296 -11.22 1.32 -17.42
N VAL C 297 -9.99 1.78 -17.68
CA VAL C 297 -9.71 2.99 -18.52
C VAL C 297 -10.02 2.77 -19.97
N ARG C 298 -10.12 1.52 -20.37
CA ARG C 298 -10.37 1.21 -21.76
C ARG C 298 -11.79 1.56 -22.12
N GLN C 299 -12.04 1.81 -23.40
CA GLN C 299 -13.35 1.73 -23.90
C GLN C 299 -13.77 0.25 -23.88
N LYS C 300 -14.69 -0.08 -23.03
CA LYS C 300 -15.24 -1.45 -23.04
C LYS C 300 -16.53 -1.41 -22.25
N ASP C 301 -17.26 -2.51 -22.23
CA ASP C 301 -18.57 -2.54 -21.53
C ASP C 301 -18.68 -3.34 -20.24
N PHE C 302 -17.64 -4.07 -19.83
CA PHE C 302 -17.69 -4.84 -18.59
C PHE C 302 -16.50 -4.64 -17.64
N ARG C 303 -16.73 -3.82 -16.61
CA ARG C 303 -15.66 -3.35 -15.70
C ARG C 303 -15.67 -4.10 -14.35
N GLN C 304 -14.73 -5.02 -14.20
CA GLN C 304 -14.66 -5.95 -13.09
C GLN C 304 -13.21 -6.25 -12.83
N ILE C 305 -12.91 -6.79 -11.66
CA ILE C 305 -11.59 -7.21 -11.29
C ILE C 305 -11.16 -8.29 -12.24
N THR C 306 -12.05 -9.24 -12.52
CA THR C 306 -11.70 -10.37 -13.34
C THR C 306 -11.22 -9.88 -14.73
N THR C 307 -11.97 -8.96 -15.27
CA THR C 307 -11.61 -8.41 -16.61
C THR C 307 -10.38 -7.47 -16.57
N ALA C 308 -10.16 -6.87 -15.43
CA ALA C 308 -8.98 -6.03 -15.24
C ALA C 308 -7.73 -6.89 -15.24
N VAL C 309 -7.78 -8.02 -14.54
CA VAL C 309 -6.71 -8.99 -14.46
C VAL C 309 -6.37 -9.64 -15.82
N GLY C 310 -7.41 -10.09 -16.53
CA GLY C 310 -7.31 -10.61 -17.88
C GLY C 310 -6.60 -9.62 -18.76
N ASP C 311 -7.12 -8.39 -18.85
CA ASP C 311 -6.45 -7.32 -19.57
C ASP C 311 -4.97 -7.16 -19.23
N GLY C 312 -4.65 -7.06 -17.92
CA GLY C 312 -3.31 -6.74 -17.48
C GLY C 312 -2.36 -7.83 -17.84
N ALA C 313 -2.84 -9.08 -17.81
CA ALA C 313 -2.06 -10.21 -18.23
C ALA C 313 -1.73 -10.13 -19.73
N GLN C 314 -2.77 -9.97 -20.54
CA GLN C 314 -2.61 -9.85 -22.02
C GLN C 314 -1.58 -8.76 -22.45
N ALA C 315 -1.72 -7.58 -21.86
CA ALA C 315 -0.84 -6.45 -22.18
C ALA C 315 0.62 -6.67 -21.80
N ALA C 316 0.86 -7.32 -20.66
CA ALA C 316 2.19 -7.75 -20.30
C ALA C 316 2.85 -8.55 -21.37
N GLN C 317 2.11 -9.54 -21.90
CA GLN C 317 2.64 -10.46 -22.93
C GLN C 317 2.95 -9.67 -24.21
N GLU C 318 2.08 -8.73 -24.56
CA GLU C 318 2.25 -7.92 -25.76
C GLU C 318 3.40 -6.99 -25.56
N ALA C 319 3.55 -6.41 -24.36
CA ALA C 319 4.68 -5.50 -24.14
C ALA C 319 5.97 -6.33 -24.28
N TYR C 320 5.95 -7.57 -23.78
CA TYR C 320 7.10 -8.45 -23.97
C TYR C 320 7.42 -8.60 -25.47
N LYS C 321 6.42 -8.98 -26.26
CA LYS C 321 6.60 -9.15 -27.72
C LYS C 321 7.15 -7.91 -28.40
N PHE C 322 6.53 -6.76 -28.10
CA PHE C 322 6.92 -5.46 -28.66
C PHE C 322 8.38 -5.12 -28.32
N VAL C 323 8.76 -5.28 -27.05
CA VAL C 323 10.13 -4.94 -26.62
C VAL C 323 11.14 -5.87 -27.30
N VAL C 324 10.79 -7.16 -27.45
CA VAL C 324 11.57 -8.11 -28.25
C VAL C 324 11.93 -7.72 -29.72
N GLU C 325 10.97 -7.29 -30.54
CA GLU C 325 11.22 -7.01 -31.97
C GLU C 325 11.83 -5.63 -32.22
N LYS D 24 -35.45 -24.95 -20.87
CA LYS D 24 -35.11 -25.31 -19.46
C LYS D 24 -34.14 -24.24 -19.02
N TYR D 25 -32.84 -24.48 -19.23
CA TYR D 25 -31.78 -23.62 -18.67
C TYR D 25 -31.64 -22.26 -19.38
N ASP D 26 -31.25 -21.23 -18.65
CA ASP D 26 -30.83 -19.99 -19.29
C ASP D 26 -29.47 -20.15 -19.98
N VAL D 27 -28.55 -20.83 -19.33
CA VAL D 27 -27.22 -20.98 -19.81
C VAL D 27 -26.62 -22.33 -19.37
N VAL D 28 -25.92 -22.98 -20.26
CA VAL D 28 -25.22 -24.17 -19.87
C VAL D 28 -23.78 -23.90 -20.17
N ILE D 29 -22.92 -24.08 -19.14
CA ILE D 29 -21.46 -23.93 -19.28
C ILE D 29 -20.82 -25.32 -19.38
N ILE D 30 -20.10 -25.55 -20.47
CA ILE D 30 -19.53 -26.84 -20.72
C ILE D 30 -18.09 -26.77 -20.36
N GLY D 31 -17.70 -27.43 -19.26
CA GLY D 31 -16.32 -27.39 -18.78
C GLY D 31 -16.14 -26.57 -17.52
N SER D 32 -15.51 -27.20 -16.53
CA SER D 32 -15.34 -26.62 -15.25
C SER D 32 -13.88 -26.32 -14.89
N GLY D 33 -13.12 -25.84 -15.83
CA GLY D 33 -11.79 -25.23 -15.53
C GLY D 33 -12.03 -23.83 -15.05
N PRO D 34 -10.98 -23.05 -14.86
CA PRO D 34 -11.19 -21.67 -14.48
C PRO D 34 -12.13 -20.76 -15.33
N ALA D 35 -12.09 -20.90 -16.64
CA ALA D 35 -12.89 -20.12 -17.49
C ALA D 35 -14.37 -20.44 -17.24
N GLY D 36 -14.65 -21.73 -17.19
CA GLY D 36 -16.01 -22.24 -17.02
C GLY D 36 -16.57 -21.99 -15.66
N MET D 37 -15.73 -22.10 -14.64
CA MET D 37 -16.15 -21.81 -13.27
C MET D 37 -16.42 -20.30 -13.03
N THR D 38 -15.63 -19.48 -13.66
CA THR D 38 -15.87 -18.04 -13.58
C THR D 38 -17.18 -17.64 -14.25
N ALA D 39 -17.43 -18.21 -15.43
CA ALA D 39 -18.66 -17.90 -16.17
C ALA D 39 -19.87 -18.36 -15.40
N ALA D 40 -19.79 -19.60 -14.91
CA ALA D 40 -20.87 -20.14 -14.10
C ALA D 40 -21.17 -19.28 -12.85
N MET D 41 -20.13 -18.93 -12.13
CA MET D 41 -20.22 -18.01 -10.94
C MET D 41 -20.92 -16.73 -11.33
N TYR D 42 -20.59 -16.14 -12.48
CA TYR D 42 -21.29 -14.90 -12.89
C TYR D 42 -22.72 -15.06 -13.32
N THR D 43 -23.02 -16.09 -14.13
CA THR D 43 -24.35 -16.30 -14.59
C THR D 43 -25.31 -16.55 -13.46
N ALA D 44 -24.92 -17.45 -12.54
CA ALA D 44 -25.72 -17.88 -11.39
C ALA D 44 -25.97 -16.70 -10.45
N ARG D 45 -24.94 -15.91 -10.20
CA ARG D 45 -25.09 -14.72 -9.41
C ARG D 45 -26.04 -13.75 -9.99
N SER D 46 -26.10 -13.69 -11.31
CA SER D 46 -27.01 -12.80 -11.96
C SER D 46 -28.43 -13.42 -12.15
N GLU D 47 -28.73 -14.46 -11.37
CA GLU D 47 -30.01 -15.18 -11.36
C GLU D 47 -30.39 -15.84 -12.67
N MET D 48 -29.42 -16.26 -13.47
CA MET D 48 -29.69 -17.06 -14.65
C MET D 48 -29.70 -18.50 -14.22
N LYS D 49 -30.67 -19.27 -14.73
CA LYS D 49 -30.71 -20.71 -14.50
C LYS D 49 -29.51 -21.35 -15.20
N THR D 50 -28.63 -21.91 -14.39
CA THR D 50 -27.31 -22.20 -14.83
C THR D 50 -26.94 -23.60 -14.52
N LEU D 51 -26.43 -24.26 -15.53
CA LEU D 51 -25.88 -25.62 -15.43
C LEU D 51 -24.39 -25.61 -15.86
N LEU D 52 -23.58 -26.28 -15.07
CA LEU D 52 -22.21 -26.51 -15.39
C LEU D 52 -21.99 -28.01 -15.53
N LEU D 53 -21.68 -28.42 -16.75
CA LEU D 53 -21.38 -29.80 -17.10
C LEU D 53 -19.86 -29.99 -17.07
N GLU D 54 -19.40 -31.19 -16.70
CA GLU D 54 -17.98 -31.50 -16.63
C GLU D 54 -17.84 -33.03 -16.66
N ARG D 55 -16.95 -33.51 -17.51
CA ARG D 55 -16.71 -34.94 -17.63
C ARG D 55 -15.75 -35.51 -16.58
N GLY D 56 -14.91 -34.65 -16.02
CA GLY D 56 -13.81 -35.05 -15.18
C GLY D 56 -13.80 -34.30 -13.86
N VAL D 57 -12.70 -33.65 -13.54
CA VAL D 57 -12.50 -33.09 -12.23
C VAL D 57 -12.53 -31.60 -12.36
N PRO D 58 -13.31 -30.93 -11.50
CA PRO D 58 -13.32 -29.47 -11.51
C PRO D 58 -11.91 -28.83 -11.37
N GLY D 59 -11.58 -27.92 -12.28
CA GLY D 59 -10.27 -27.27 -12.30
C GLY D 59 -9.57 -27.46 -13.62
N GLY D 60 -9.93 -28.51 -14.38
CA GLY D 60 -9.28 -28.77 -15.68
C GLY D 60 -7.75 -28.80 -15.59
N GLN D 61 -7.07 -28.02 -16.40
CA GLN D 61 -5.60 -28.10 -16.44
C GLN D 61 -4.93 -27.68 -15.14
N MET D 62 -5.62 -26.92 -14.31
CA MET D 62 -5.05 -26.48 -13.04
C MET D 62 -4.79 -27.68 -12.21
N ASN D 63 -5.57 -28.74 -12.43
CA ASN D 63 -5.36 -29.96 -11.65
C ASN D 63 -4.09 -30.70 -11.93
N ASN D 64 -3.51 -30.47 -13.11
CA ASN D 64 -2.22 -31.05 -13.45
C ASN D 64 -1.08 -30.10 -13.18
N THR D 65 -1.36 -29.05 -12.42
CA THR D 65 -0.41 -27.99 -12.10
C THR D 65 0.07 -28.12 -10.68
N ALA D 66 1.38 -27.95 -10.45
CA ALA D 66 1.87 -27.79 -9.10
C ALA D 66 1.76 -26.30 -8.72
N GLU D 67 2.89 -25.62 -8.47
CA GLU D 67 2.84 -24.25 -7.92
C GLU D 67 2.36 -23.32 -9.00
N ILE D 68 1.42 -22.45 -8.63
CA ILE D 68 1.02 -21.40 -9.49
C ILE D 68 1.43 -20.11 -8.79
N GLU D 69 2.20 -19.26 -9.48
CA GLU D 69 2.60 -17.99 -8.86
C GLU D 69 2.10 -16.72 -9.54
N ASN D 70 1.38 -16.82 -10.65
CA ASN D 70 0.98 -15.67 -11.44
C ASN D 70 -0.52 -15.52 -11.57
N TYR D 71 -1.23 -16.02 -10.57
CA TYR D 71 -2.66 -15.72 -10.41
C TYR D 71 -2.84 -14.65 -9.33
N PRO D 72 -3.19 -13.44 -9.75
CA PRO D 72 -3.34 -12.33 -8.80
C PRO D 72 -4.29 -12.60 -7.64
N GLY D 73 -3.81 -12.35 -6.42
CA GLY D 73 -4.51 -12.77 -5.21
C GLY D 73 -3.86 -13.90 -4.42
N TYR D 74 -3.07 -14.73 -5.10
CA TYR D 74 -2.20 -15.73 -4.45
C TYR D 74 -0.73 -15.61 -4.85
N GLU D 75 0.13 -15.35 -3.88
CA GLU D 75 1.56 -15.29 -4.13
C GLU D 75 1.98 -16.65 -4.69
N THR D 76 1.55 -17.71 -4.02
CA THR D 76 1.72 -19.05 -4.52
C THR D 76 0.58 -19.91 -4.05
N ILE D 77 0.17 -20.84 -4.89
CA ILE D 77 -0.91 -21.75 -4.55
C ILE D 77 -0.80 -22.92 -5.52
N MET D 78 -1.13 -24.11 -5.04
CA MET D 78 -1.08 -25.33 -5.82
C MET D 78 -2.33 -25.47 -6.68
N GLY D 79 -2.14 -25.96 -7.90
CA GLY D 79 -3.20 -26.05 -8.87
C GLY D 79 -4.49 -26.68 -8.31
N PRO D 80 -4.40 -27.86 -7.71
CA PRO D 80 -5.60 -28.50 -7.17
C PRO D 80 -6.27 -27.71 -6.05
N GLU D 81 -5.48 -26.97 -5.27
CA GLU D 81 -5.99 -26.09 -4.21
C GLU D 81 -6.80 -24.95 -4.85
N LEU D 82 -6.27 -24.36 -5.93
CA LEU D 82 -6.98 -23.29 -6.61
C LEU D 82 -8.27 -23.84 -7.31
N SER D 83 -8.14 -24.98 -7.95
CA SER D 83 -9.32 -25.65 -8.45
C SER D 83 -10.46 -25.68 -7.39
N MET D 84 -10.14 -26.11 -6.18
CA MET D 84 -11.12 -26.23 -5.11
C MET D 84 -11.67 -24.86 -4.70
N LYS D 85 -10.79 -23.86 -4.65
CA LYS D 85 -11.19 -22.54 -4.19
C LYS D 85 -12.20 -22.03 -5.14
N MET D 86 -11.96 -22.24 -6.42
CA MET D 86 -12.88 -21.74 -7.46
C MET D 86 -14.21 -22.47 -7.49
N ALA D 87 -14.21 -23.78 -7.19
CA ALA D 87 -15.41 -24.63 -7.25
C ALA D 87 -16.30 -24.50 -6.06
N GLU D 88 -15.70 -24.29 -4.91
CA GLU D 88 -16.38 -24.35 -3.62
C GLU D 88 -17.67 -23.45 -3.53
N PRO D 89 -17.59 -22.18 -3.92
CA PRO D 89 -18.76 -21.30 -3.81
C PRO D 89 -19.93 -21.49 -4.80
N LEU D 90 -19.73 -22.30 -5.82
CA LEU D 90 -20.59 -22.30 -6.97
C LEU D 90 -21.98 -22.73 -6.65
N GLU D 91 -22.12 -23.84 -5.93
CA GLU D 91 -23.46 -24.36 -5.57
C GLU D 91 -24.25 -23.36 -4.71
N GLY D 92 -23.59 -22.77 -3.72
CA GLY D 92 -24.22 -21.77 -2.87
C GLY D 92 -24.75 -20.59 -3.70
N LEU D 93 -24.08 -20.29 -4.81
CA LEU D 93 -24.55 -19.29 -5.74
C LEU D 93 -25.60 -19.72 -6.72
N GLY D 94 -25.96 -21.00 -6.74
CA GLY D 94 -27.05 -21.50 -7.59
C GLY D 94 -26.60 -22.19 -8.88
N VAL D 95 -25.31 -22.41 -9.07
CA VAL D 95 -24.87 -23.29 -10.16
C VAL D 95 -25.36 -24.71 -9.84
N GLU D 96 -26.08 -25.33 -10.78
CA GLU D 96 -26.22 -26.76 -10.84
C GLU D 96 -25.01 -27.41 -11.58
N ASN D 97 -24.27 -28.25 -10.87
CA ASN D 97 -23.20 -29.06 -11.45
C ASN D 97 -23.84 -30.35 -11.86
N ALA D 98 -23.45 -30.84 -13.03
CA ALA D 98 -23.83 -32.16 -13.41
C ALA D 98 -22.71 -32.79 -14.16
N TYR D 99 -22.68 -34.12 -14.10
CA TYR D 99 -21.79 -34.89 -14.91
C TYR D 99 -22.29 -34.89 -16.36
N GLY D 100 -21.39 -34.67 -17.32
CA GLY D 100 -21.71 -34.86 -18.74
C GLY D 100 -20.46 -34.84 -19.57
N PHE D 101 -20.32 -35.83 -20.48
CA PHE D 101 -19.26 -35.83 -21.49
C PHE D 101 -20.02 -35.38 -22.71
N VAL D 102 -19.88 -34.11 -23.05
CA VAL D 102 -20.64 -33.57 -24.17
C VAL D 102 -20.10 -34.13 -25.50
N THR D 103 -21.01 -34.59 -26.35
CA THR D 103 -20.71 -35.10 -27.68
C THR D 103 -21.30 -34.31 -28.86
N GLY D 104 -22.32 -33.49 -28.63
CA GLY D 104 -22.92 -32.70 -29.68
C GLY D 104 -23.79 -31.57 -29.16
N ILE D 105 -24.03 -30.62 -30.04
CA ILE D 105 -24.85 -29.42 -29.80
C ILE D 105 -25.74 -29.27 -31.03
N GLU D 106 -27.04 -29.08 -30.84
CA GLU D 106 -27.91 -28.68 -31.91
C GLU D 106 -28.48 -27.33 -31.57
N ASP D 107 -28.52 -26.44 -32.57
CA ASP D 107 -29.16 -25.14 -32.44
C ASP D 107 -30.54 -25.24 -33.02
N HIS D 108 -31.52 -24.81 -32.24
CA HIS D 108 -32.89 -24.79 -32.73
C HIS D 108 -33.44 -23.35 -32.68
N GLY D 109 -32.54 -22.38 -32.74
CA GLY D 109 -32.95 -20.97 -32.84
C GLY D 109 -33.27 -20.30 -31.53
N ASP D 110 -34.45 -20.61 -31.00
CA ASP D 110 -34.92 -20.20 -29.68
C ASP D 110 -34.22 -20.93 -28.58
N TYR D 111 -33.73 -22.13 -28.90
CA TYR D 111 -33.02 -22.93 -27.91
C TYR D 111 -31.94 -23.73 -28.61
N LYS D 112 -31.08 -24.32 -27.77
CA LYS D 112 -30.09 -25.25 -28.26
C LYS D 112 -30.24 -26.56 -27.50
N LYS D 113 -29.89 -27.67 -28.14
CA LYS D 113 -29.78 -28.95 -27.44
C LYS D 113 -28.31 -29.32 -27.28
N ILE D 114 -27.94 -29.71 -26.05
CA ILE D 114 -26.65 -30.33 -25.77
C ILE D 114 -26.86 -31.85 -25.52
N ILE D 115 -26.03 -32.64 -26.21
CA ILE D 115 -26.05 -34.07 -26.21
C ILE D 115 -24.85 -34.53 -25.38
N THR D 116 -25.09 -35.30 -24.35
CA THR D 116 -23.98 -35.99 -23.71
C THR D 116 -24.10 -37.45 -24.02
N GLU D 117 -23.15 -38.26 -23.54
CA GLU D 117 -23.18 -39.68 -23.82
C GLU D 117 -24.43 -40.36 -23.32
N ASP D 118 -25.02 -39.91 -22.21
CA ASP D 118 -26.29 -40.54 -21.72
C ASP D 118 -27.43 -39.53 -21.49
N ASP D 119 -27.34 -38.30 -21.98
CA ASP D 119 -28.37 -37.31 -21.63
C ASP D 119 -28.46 -36.22 -22.67
N GLU D 120 -29.46 -35.37 -22.49
CA GLU D 120 -29.70 -34.23 -23.36
C GLU D 120 -30.13 -33.11 -22.46
N PHE D 121 -29.75 -31.89 -22.81
CA PHE D 121 -30.15 -30.69 -22.05
C PHE D 121 -30.67 -29.62 -23.01
N ILE D 122 -31.66 -28.85 -22.57
CA ILE D 122 -32.18 -27.73 -23.33
C ILE D 122 -31.74 -26.45 -22.68
N THR D 123 -31.36 -25.49 -23.51
CA THR D 123 -30.89 -24.22 -23.01
C THR D 123 -31.04 -23.08 -23.98
N LYS D 124 -31.18 -21.87 -23.45
CA LYS D 124 -31.28 -20.70 -24.30
C LYS D 124 -29.89 -20.31 -24.79
N SER D 125 -28.87 -20.60 -23.98
CA SER D 125 -27.49 -20.19 -24.31
C SER D 125 -26.39 -21.19 -23.91
N ILE D 126 -25.24 -21.10 -24.56
CA ILE D 126 -24.14 -22.04 -24.29
C ILE D 126 -22.80 -21.33 -24.22
N ILE D 127 -22.06 -21.53 -23.12
CA ILE D 127 -20.67 -21.10 -23.03
C ILE D 127 -19.74 -22.35 -23.07
N ILE D 128 -18.90 -22.42 -24.08
CA ILE D 128 -18.04 -23.57 -24.25
C ILE D 128 -16.71 -23.22 -23.61
N ALA D 129 -16.26 -24.07 -22.69
CA ALA D 129 -15.12 -23.76 -21.86
C ALA D 129 -14.28 -25.01 -21.64
N THR D 130 -14.06 -25.72 -22.74
CA THR D 130 -13.55 -27.10 -22.70
C THR D 130 -12.03 -27.24 -22.75
N GLY D 131 -11.31 -26.13 -22.96
CA GLY D 131 -9.84 -26.10 -22.90
C GLY D 131 -9.04 -26.74 -24.03
N ALA D 132 -7.83 -27.17 -23.68
CA ALA D 132 -6.84 -27.60 -24.65
C ALA D 132 -6.05 -28.66 -23.96
N ASN D 133 -5.26 -29.36 -24.76
CA ASN D 133 -4.42 -30.44 -24.34
C ASN D 133 -2.98 -30.32 -24.85
N HIS D 134 -2.04 -30.34 -23.91
CA HIS D 134 -0.63 -30.36 -24.22
C HIS D 134 -0.22 -31.79 -24.47
N ARG D 135 0.21 -32.09 -25.69
CA ARG D 135 0.59 -33.45 -26.01
C ARG D 135 1.85 -33.78 -25.26
N LYS D 136 1.87 -34.99 -24.70
CA LYS D 136 2.97 -35.46 -23.86
C LYS D 136 3.99 -36.26 -24.66
N LEU D 137 5.20 -36.35 -24.10
CA LEU D 137 6.25 -37.19 -24.64
C LEU D 137 5.95 -38.67 -24.41
N GLU D 138 5.42 -38.99 -23.23
CA GLU D 138 5.18 -40.37 -22.81
C GLU D 138 6.47 -41.18 -22.72
N ILE D 139 7.39 -40.69 -21.92
CA ILE D 139 8.63 -41.38 -21.64
C ILE D 139 8.89 -41.42 -20.14
N PRO D 140 9.68 -42.39 -19.69
CA PRO D 140 9.93 -42.48 -18.26
C PRO D 140 10.57 -41.22 -17.72
N GLY D 141 10.01 -40.70 -16.62
CA GLY D 141 10.49 -39.51 -15.97
C GLY D 141 9.62 -38.30 -16.23
N GLU D 142 8.82 -38.34 -17.28
CA GLU D 142 7.99 -37.19 -17.58
C GLU D 142 7.02 -36.86 -16.47
N GLU D 143 6.26 -37.85 -16.01
CA GLU D 143 5.30 -37.64 -14.94
C GLU D 143 6.04 -37.42 -13.66
N GLU D 144 6.99 -38.30 -13.37
CA GLU D 144 7.68 -38.29 -12.08
C GLU D 144 8.24 -36.94 -11.73
N TYR D 145 8.67 -36.21 -12.76
CA TYR D 145 9.26 -34.89 -12.54
C TYR D 145 8.38 -33.75 -13.09
N GLY D 146 7.09 -34.01 -13.33
CA GLY D 146 6.12 -32.92 -13.64
C GLY D 146 6.18 -31.89 -12.52
N ALA D 147 6.38 -30.60 -12.85
CA ALA D 147 6.67 -29.52 -11.87
C ALA D 147 7.90 -29.69 -10.99
N ARG D 148 8.79 -30.59 -11.35
CA ARG D 148 10.05 -30.77 -10.64
C ARG D 148 11.15 -30.71 -11.68
N GLY D 149 10.86 -29.98 -12.77
CA GLY D 149 11.75 -29.88 -13.88
C GLY D 149 11.11 -30.12 -15.22
N VAL D 150 9.92 -30.72 -15.26
CA VAL D 150 9.20 -30.93 -16.53
C VAL D 150 8.05 -29.96 -16.65
N SER D 151 8.01 -29.19 -17.76
CA SER D 151 7.01 -28.16 -17.96
C SER D 151 6.56 -28.07 -19.40
N TYR D 152 5.40 -27.44 -19.57
CA TYR D 152 4.82 -27.24 -20.88
C TYR D 152 4.51 -25.75 -21.10
N CYS D 153 5.00 -24.88 -20.21
CA CYS D 153 4.65 -23.44 -20.30
C CYS D 153 5.74 -22.58 -19.69
N ALA D 154 6.47 -21.90 -20.55
CA ALA D 154 7.60 -21.07 -20.14
C ALA D 154 7.16 -19.81 -19.36
N VAL D 155 6.09 -19.15 -19.76
CA VAL D 155 5.58 -18.00 -19.01
C VAL D 155 5.13 -18.49 -17.62
N CYS D 156 4.54 -19.68 -17.56
CA CYS D 156 4.17 -20.25 -16.25
C CYS D 156 5.36 -20.60 -15.40
N ASP D 157 6.39 -21.24 -15.99
CA ASP D 157 7.43 -21.91 -15.17
C ASP D 157 8.86 -21.49 -15.36
N GLY D 158 9.16 -20.79 -16.45
CA GLY D 158 10.54 -20.46 -16.80
C GLY D 158 11.32 -19.79 -15.71
N ALA D 159 10.62 -18.96 -14.93
CA ALA D 159 11.23 -18.24 -13.79
C ALA D 159 11.96 -19.16 -12.80
N PHE D 160 11.48 -20.38 -12.65
CA PHE D 160 12.11 -21.36 -11.75
C PHE D 160 13.49 -21.89 -12.18
N PHE D 161 14.01 -21.48 -13.33
CA PHE D 161 15.25 -22.08 -13.85
C PHE D 161 16.38 -21.10 -14.08
N ARG D 162 16.40 -19.97 -13.37
CA ARG D 162 17.45 -18.97 -13.66
C ARG D 162 18.83 -19.62 -13.61
N ASN D 163 19.65 -19.28 -14.60
CA ASN D 163 21.03 -19.76 -14.74
C ASN D 163 21.25 -21.28 -14.97
N GLN D 164 20.17 -22.02 -15.18
CA GLN D 164 20.23 -23.45 -15.43
C GLN D 164 20.33 -23.80 -16.92
N GLU D 165 20.73 -25.03 -17.20
CA GLU D 165 20.79 -25.60 -18.55
C GLU D 165 19.38 -26.10 -18.79
N ILE D 166 18.75 -25.57 -19.84
CA ILE D 166 17.37 -25.89 -20.15
C ILE D 166 17.26 -26.54 -21.50
N LEU D 167 16.43 -27.58 -21.56
CA LEU D 167 16.18 -28.28 -22.79
C LEU D 167 14.74 -28.01 -23.21
N VAL D 168 14.55 -27.71 -24.50
CA VAL D 168 13.22 -27.53 -25.11
C VAL D 168 13.02 -28.62 -26.16
N ILE D 169 11.85 -29.27 -26.16
CA ILE D 169 11.52 -30.27 -27.17
C ILE D 169 10.49 -29.75 -28.14
N GLY D 170 10.86 -29.73 -29.41
CA GLY D 170 9.92 -29.41 -30.48
C GLY D 170 10.56 -28.58 -31.57
N GLY D 171 9.87 -28.44 -32.69
CA GLY D 171 10.42 -27.66 -33.82
C GLY D 171 9.54 -26.63 -34.48
N GLY D 172 8.36 -26.40 -33.90
CA GLY D 172 7.45 -25.38 -34.42
C GLY D 172 7.62 -23.99 -33.82
N ASP D 173 6.69 -23.10 -34.16
CA ASP D 173 6.69 -21.72 -33.66
C ASP D 173 6.71 -21.70 -32.14
N SER D 174 6.02 -22.63 -31.51
CA SER D 174 5.90 -22.64 -30.05
C SER D 174 7.22 -23.04 -29.32
N ALA D 175 7.78 -24.17 -29.71
CA ALA D 175 9.05 -24.60 -29.16
C ALA D 175 10.07 -23.46 -29.29
N VAL D 176 10.17 -22.90 -30.48
CA VAL D 176 11.22 -21.94 -30.72
C VAL D 176 10.97 -20.62 -29.96
N GLU D 177 9.75 -20.15 -29.93
CA GLU D 177 9.45 -18.90 -29.26
C GLU D 177 9.57 -19.03 -27.74
N GLU D 178 9.24 -20.19 -27.22
CA GLU D 178 9.41 -20.43 -25.78
C GLU D 178 10.87 -20.56 -25.39
N ALA D 179 11.65 -21.21 -26.24
CA ALA D 179 13.11 -21.27 -26.13
C ALA D 179 13.71 -19.88 -26.05
N LEU D 180 13.32 -19.00 -26.96
CA LEU D 180 13.80 -17.60 -26.95
C LEU D 180 13.45 -16.88 -25.66
N TYR D 181 12.22 -17.06 -25.21
CA TYR D 181 11.79 -16.59 -23.89
C TYR D 181 12.62 -17.12 -22.73
N LEU D 182 12.90 -18.41 -22.75
CA LEU D 182 13.64 -19.07 -21.68
C LEU D 182 15.10 -18.66 -21.56
N THR D 183 15.68 -18.10 -22.64
CA THR D 183 17.08 -17.65 -22.64
C THR D 183 17.27 -16.46 -21.71
N ARG D 184 16.15 -15.89 -21.28
CA ARG D 184 16.17 -14.81 -20.31
C ARG D 184 16.32 -15.31 -18.89
N PHE D 185 16.16 -16.61 -18.69
CA PHE D 185 16.37 -17.21 -17.36
C PHE D 185 17.61 -18.12 -17.36
N GLY D 186 17.63 -19.09 -18.28
CA GLY D 186 18.71 -20.08 -18.38
C GLY D 186 20.08 -19.59 -18.81
N GLN D 187 21.09 -20.35 -18.40
CA GLN D 187 22.45 -20.11 -18.89
C GLN D 187 22.44 -20.45 -20.37
N SER D 188 21.72 -21.51 -20.70
CA SER D 188 21.64 -21.97 -22.07
C SER D 188 20.31 -22.71 -22.25
N VAL D 189 19.84 -22.71 -23.50
CA VAL D 189 18.63 -23.37 -23.90
C VAL D 189 18.93 -24.22 -25.12
N THR D 190 18.56 -25.49 -25.08
CA THR D 190 18.84 -26.40 -26.17
C THR D 190 17.52 -26.77 -26.78
N ILE D 191 17.38 -26.57 -28.09
CA ILE D 191 16.23 -27.10 -28.84
C ILE D 191 16.61 -28.43 -29.44
N MET D 192 15.90 -29.46 -29.03
CA MET D 192 15.98 -30.77 -29.61
C MET D 192 14.73 -31.03 -30.45
N HIS D 193 14.94 -31.22 -31.75
CA HIS D 193 13.88 -31.58 -32.70
C HIS D 193 14.16 -32.89 -33.43
N ARG D 194 13.07 -33.65 -33.69
CA ARG D 194 13.14 -35.00 -34.23
C ARG D 194 13.59 -35.03 -35.70
N ARG D 195 13.51 -33.90 -36.40
CA ARG D 195 13.90 -33.82 -37.80
C ARG D 195 15.13 -32.95 -37.94
N ASP D 196 15.60 -32.76 -39.18
CA ASP D 196 16.89 -32.09 -39.42
C ASP D 196 16.77 -30.56 -39.60
N LYS D 197 15.54 -30.08 -39.59
CA LYS D 197 15.28 -28.65 -39.67
C LYS D 197 13.91 -28.31 -39.06
N LEU D 198 13.65 -27.02 -38.92
CA LEU D 198 12.51 -26.57 -38.16
C LEU D 198 11.27 -26.35 -39.03
N ARG D 199 10.10 -26.45 -38.39
CA ARG D 199 8.80 -26.09 -38.98
C ARG D 199 8.31 -24.67 -38.61
N ALA D 200 9.04 -23.98 -37.74
CA ALA D 200 8.63 -22.65 -37.26
C ALA D 200 8.73 -21.65 -38.39
N GLN D 201 8.08 -20.52 -38.20
CA GLN D 201 8.20 -19.43 -39.15
C GLN D 201 9.61 -18.92 -39.25
N GLU D 202 9.97 -18.55 -40.46
CA GLU D 202 11.31 -18.07 -40.80
C GLU D 202 11.81 -16.95 -39.87
N ILE D 203 10.93 -16.01 -39.52
CA ILE D 203 11.33 -14.87 -38.69
C ILE D 203 11.64 -15.30 -37.26
N ILE D 204 10.89 -16.26 -36.75
CA ILE D 204 11.15 -16.83 -35.42
C ILE D 204 12.44 -17.63 -35.50
N GLN D 205 12.67 -18.34 -36.61
CA GLN D 205 13.90 -19.14 -36.80
C GLN D 205 15.12 -18.23 -36.78
N GLN D 206 15.07 -17.15 -37.57
CA GLN D 206 16.19 -16.22 -37.62
C GLN D 206 16.55 -15.68 -36.26
N ARG D 207 15.53 -15.48 -35.41
CA ARG D 207 15.74 -15.01 -34.05
C ARG D 207 16.40 -16.05 -33.16
N ALA D 208 15.99 -17.31 -33.30
CA ALA D 208 16.67 -18.41 -32.65
C ALA D 208 18.15 -18.44 -33.10
N PHE D 209 18.39 -18.36 -34.42
CA PHE D 209 19.74 -18.53 -34.97
C PHE D 209 20.66 -17.39 -34.53
N LYS D 210 20.11 -16.20 -34.38
CA LYS D 210 20.91 -15.09 -33.93
C LYS D 210 21.12 -15.03 -32.40
N GLU D 211 20.45 -15.88 -31.62
CA GLU D 211 20.61 -15.90 -30.18
C GLU D 211 21.62 -16.98 -29.73
N GLU D 212 22.75 -16.55 -29.16
CA GLU D 212 23.85 -17.47 -28.87
C GLU D 212 23.56 -18.43 -27.72
N LYS D 213 22.65 -18.08 -26.82
CA LYS D 213 22.36 -19.01 -25.73
C LYS D 213 21.51 -20.20 -26.18
N ILE D 214 21.08 -20.20 -27.44
CA ILE D 214 20.40 -21.34 -28.07
C ILE D 214 21.37 -22.18 -28.88
N ASN D 215 21.25 -23.50 -28.74
CA ASN D 215 21.83 -24.45 -29.67
C ASN D 215 20.80 -25.50 -30.00
N PHE D 216 21.10 -26.35 -30.98
CA PHE D 216 20.21 -27.39 -31.48
C PHE D 216 20.78 -28.80 -31.37
N ILE D 217 19.90 -29.77 -31.12
CA ILE D 217 20.19 -31.20 -31.25
C ILE D 217 19.17 -31.65 -32.29
N TRP D 218 19.64 -32.15 -33.42
CA TRP D 218 18.75 -32.54 -34.54
C TRP D 218 18.42 -34.00 -34.56
N ASP D 219 17.43 -34.38 -35.37
CA ASP D 219 17.17 -35.79 -35.62
C ASP D 219 17.20 -36.62 -34.34
N SER D 220 16.72 -36.02 -33.24
CA SER D 220 16.76 -36.67 -31.94
C SER D 220 15.45 -36.50 -31.23
N VAL D 221 15.16 -37.44 -30.34
CA VAL D 221 14.02 -37.39 -29.47
C VAL D 221 14.51 -37.76 -28.08
N PRO D 222 13.86 -37.27 -27.03
CA PRO D 222 14.15 -37.73 -25.69
C PRO D 222 13.70 -39.19 -25.46
N MET D 223 14.42 -39.90 -24.59
CA MET D 223 14.09 -41.28 -24.22
C MET D 223 13.72 -41.40 -22.76
N GLU D 224 14.40 -40.65 -21.89
CA GLU D 224 14.16 -40.74 -20.45
C GLU D 224 14.65 -39.50 -19.78
N ILE D 225 13.80 -38.98 -18.91
CA ILE D 225 14.14 -37.87 -18.07
C ILE D 225 14.58 -38.49 -16.73
N LYS D 226 15.79 -38.16 -16.29
CA LYS D 226 16.34 -38.70 -15.06
C LYS D 226 16.80 -37.63 -14.10
N GLY D 227 16.83 -38.02 -12.81
CA GLY D 227 17.29 -37.15 -11.72
C GLY D 227 17.36 -37.94 -10.42
N ASP D 228 17.11 -37.25 -9.31
CA ASP D 228 17.08 -37.84 -7.95
C ASP D 228 15.62 -37.90 -7.44
N ASP D 229 15.42 -37.96 -6.13
CA ASP D 229 14.06 -37.91 -5.59
C ASP D 229 13.40 -36.54 -5.71
N LYS D 230 14.19 -35.44 -5.75
CA LYS D 230 13.67 -34.06 -5.76
C LYS D 230 13.54 -33.39 -7.14
N LYS D 231 14.59 -33.50 -7.97
CA LYS D 231 14.66 -32.78 -9.24
C LYS D 231 15.40 -33.55 -10.37
N ILE D 232 15.15 -33.06 -11.59
CA ILE D 232 15.80 -33.51 -12.82
C ILE D 232 17.30 -33.19 -12.85
N GLN D 233 18.05 -34.12 -13.38
CA GLN D 233 19.49 -33.92 -13.51
C GLN D 233 19.93 -34.22 -14.95
N SER D 234 19.30 -35.18 -15.61
CA SER D 234 19.70 -35.52 -16.99
C SER D 234 18.60 -36.02 -17.88
N VAL D 235 18.84 -35.93 -19.18
CA VAL D 235 17.99 -36.50 -20.22
C VAL D 235 18.79 -37.47 -21.12
N VAL D 236 18.27 -38.68 -21.28
CA VAL D 236 18.78 -39.63 -22.24
C VAL D 236 17.95 -39.45 -23.49
N TYR D 237 18.63 -39.35 -24.62
CA TYR D 237 17.97 -39.16 -25.91
C TYR D 237 18.65 -39.95 -26.97
N LYS D 238 17.94 -40.07 -28.09
CA LYS D 238 18.33 -40.98 -29.17
C LYS D 238 18.20 -40.24 -30.49
N ASN D 239 19.24 -40.41 -31.31
CA ASN D 239 19.22 -39.98 -32.69
C ASN D 239 18.43 -41.00 -33.53
N VAL D 240 17.30 -40.54 -34.11
CA VAL D 240 16.31 -41.44 -34.75
C VAL D 240 16.84 -42.05 -36.03
N LYS D 241 17.79 -41.36 -36.66
CA LYS D 241 18.45 -41.91 -37.82
C LYS D 241 19.52 -42.91 -37.46
N THR D 242 20.41 -42.55 -36.54
CA THR D 242 21.56 -43.39 -36.23
C THR D 242 21.41 -44.42 -35.12
N GLY D 243 20.41 -44.27 -34.27
CA GLY D 243 20.19 -45.17 -33.15
C GLY D 243 21.10 -44.85 -31.98
N GLU D 244 21.90 -43.80 -32.14
CA GLU D 244 22.88 -43.45 -31.17
C GLU D 244 22.27 -42.69 -29.99
N VAL D 245 22.51 -43.23 -28.80
CA VAL D 245 21.98 -42.76 -27.54
C VAL D 245 23.01 -41.82 -26.90
N THR D 246 22.54 -40.87 -26.11
CA THR D 246 23.38 -39.90 -25.40
C THR D 246 22.70 -39.44 -24.10
N GLU D 247 23.47 -39.30 -23.02
CA GLU D 247 22.98 -38.66 -21.78
C GLU D 247 23.75 -37.37 -21.53
N LYS D 248 22.99 -36.31 -21.30
CA LYS D 248 23.49 -35.00 -20.94
C LYS D 248 22.75 -34.50 -19.73
N ALA D 249 23.46 -33.72 -18.91
CA ALA D 249 22.87 -32.98 -17.80
C ALA D 249 21.96 -31.88 -18.34
N PHE D 250 20.77 -31.79 -17.76
CA PHE D 250 19.88 -30.62 -17.94
C PHE D 250 19.20 -30.40 -16.60
N GLY D 251 18.84 -29.15 -16.31
CA GLY D 251 18.09 -28.79 -15.08
C GLY D 251 16.59 -28.72 -15.29
N GLY D 252 16.15 -28.68 -16.55
CA GLY D 252 14.74 -28.49 -16.86
C GLY D 252 14.41 -28.83 -18.30
N ILE D 253 13.20 -29.32 -18.53
CA ILE D 253 12.78 -29.71 -19.86
C ILE D 253 11.38 -29.18 -20.14
N PHE D 254 11.26 -28.43 -21.25
CA PHE D 254 10.00 -27.82 -21.68
C PHE D 254 9.58 -28.45 -22.99
N ILE D 255 8.35 -28.93 -23.04
CA ILE D 255 7.88 -29.81 -24.09
C ILE D 255 6.84 -29.10 -24.97
N TYR D 256 7.05 -29.15 -26.28
CA TYR D 256 6.19 -28.53 -27.26
C TYR D 256 6.11 -29.46 -28.44
N VAL D 257 5.35 -30.53 -28.30
CA VAL D 257 5.16 -31.50 -29.37
C VAL D 257 3.70 -31.50 -29.71
N GLY D 258 3.04 -30.38 -29.52
CA GLY D 258 1.67 -30.22 -29.96
C GLY D 258 0.72 -29.77 -28.88
N LEU D 259 -0.15 -28.85 -29.28
CA LEU D 259 -1.22 -28.33 -28.43
C LEU D 259 -2.51 -28.48 -29.24
N ASP D 260 -3.51 -29.19 -28.69
CA ASP D 260 -4.79 -29.36 -29.39
C ASP D 260 -5.94 -28.72 -28.63
N PRO D 261 -6.87 -28.12 -29.36
CA PRO D 261 -8.14 -27.83 -28.77
C PRO D 261 -8.89 -29.10 -28.28
N VAL D 262 -9.68 -28.96 -27.23
CA VAL D 262 -10.62 -30.00 -26.81
C VAL D 262 -12.06 -29.50 -27.14
N ALA D 263 -12.53 -29.76 -28.37
CA ALA D 263 -13.80 -29.25 -28.86
C ALA D 263 -14.43 -30.15 -29.95
N GLU D 264 -14.21 -31.46 -29.82
CA GLU D 264 -14.62 -32.45 -30.83
C GLU D 264 -16.12 -32.34 -31.15
N PHE D 265 -16.88 -32.02 -30.10
CA PHE D 265 -18.34 -31.85 -30.18
C PHE D 265 -18.82 -30.59 -30.86
N VAL D 266 -17.93 -29.70 -31.32
CA VAL D 266 -18.39 -28.60 -32.22
C VAL D 266 -17.86 -28.69 -33.68
N SER D 267 -17.13 -29.74 -34.02
CA SER D 267 -16.41 -29.80 -35.31
C SER D 267 -17.23 -29.49 -36.59
N ASP D 268 -18.52 -29.84 -36.59
CA ASP D 268 -19.38 -29.61 -37.75
C ASP D 268 -20.19 -28.31 -37.73
N LEU D 269 -20.04 -27.48 -36.68
CA LEU D 269 -20.92 -26.32 -36.48
C LEU D 269 -20.49 -25.07 -37.23
N GLY D 270 -19.29 -25.08 -37.81
CA GLY D 270 -18.77 -23.94 -38.55
C GLY D 270 -18.18 -22.81 -37.73
N ILE D 271 -17.72 -23.08 -36.52
CA ILE D 271 -17.26 -22.03 -35.57
C ILE D 271 -15.77 -22.22 -35.20
N THR D 272 -15.10 -23.13 -35.87
CA THR D 272 -13.70 -23.42 -35.62
C THR D 272 -12.75 -23.09 -36.76
N ASP D 273 -11.49 -22.85 -36.43
CA ASP D 273 -10.51 -22.56 -37.46
C ASP D 273 -9.91 -23.88 -38.03
N GLU D 274 -8.86 -23.73 -38.82
CA GLU D 274 -8.15 -24.84 -39.41
C GLU D 274 -7.86 -25.96 -38.43
N ALA D 275 -7.17 -25.62 -37.35
CA ALA D 275 -6.70 -26.58 -36.35
C ALA D 275 -7.80 -27.05 -35.38
N GLY D 276 -8.99 -26.44 -35.47
CA GLY D 276 -10.11 -26.79 -34.60
C GLY D 276 -10.33 -25.92 -33.33
N TRP D 277 -9.60 -24.80 -33.21
CA TRP D 277 -9.84 -23.84 -32.15
C TRP D 277 -11.14 -23.14 -32.50
N ILE D 278 -11.88 -22.68 -31.49
CA ILE D 278 -13.12 -21.91 -31.68
C ILE D 278 -12.84 -20.43 -31.88
N ILE D 279 -13.35 -19.86 -32.98
CA ILE D 279 -13.22 -18.44 -33.26
C ILE D 279 -14.32 -17.70 -32.53
N THR D 280 -13.97 -16.64 -31.81
CA THR D 280 -14.96 -15.74 -31.21
C THR D 280 -14.53 -14.33 -31.48
N ASP D 281 -15.47 -13.41 -31.27
CA ASP D 281 -15.14 -11.99 -31.31
C ASP D 281 -14.58 -11.63 -29.95
N ASP D 282 -14.34 -10.33 -29.72
CA ASP D 282 -13.80 -9.86 -28.43
C ASP D 282 -14.82 -9.95 -27.30
N HIS D 283 -16.08 -10.23 -27.61
CA HIS D 283 -17.07 -10.47 -26.59
C HIS D 283 -17.34 -11.99 -26.44
N MET D 284 -16.40 -12.82 -26.87
CA MET D 284 -16.52 -14.27 -26.72
C MET D 284 -17.65 -14.88 -27.53
N ARG D 285 -18.20 -14.12 -28.50
CA ARG D 285 -19.33 -14.59 -29.30
C ARG D 285 -18.82 -15.44 -30.47
N THR D 286 -19.35 -16.65 -30.65
CA THR D 286 -19.09 -17.39 -31.90
C THR D 286 -20.04 -16.83 -32.92
N ASN D 287 -19.88 -17.22 -34.19
CA ASN D 287 -20.82 -16.79 -35.23
C ASN D 287 -22.20 -17.46 -35.09
N ILE D 288 -22.41 -18.30 -34.07
CA ILE D 288 -23.78 -18.74 -33.78
C ILE D 288 -24.35 -17.98 -32.60
N PRO D 289 -25.44 -17.23 -32.82
CA PRO D 289 -26.04 -16.53 -31.72
C PRO D 289 -26.32 -17.44 -30.51
N GLY D 290 -26.02 -16.93 -29.31
CA GLY D 290 -26.25 -17.64 -28.08
C GLY D 290 -25.22 -18.71 -27.81
N ILE D 291 -24.21 -18.83 -28.67
CA ILE D 291 -23.11 -19.75 -28.40
C ILE D 291 -21.83 -18.96 -28.27
N PHE D 292 -21.31 -18.96 -27.04
CA PHE D 292 -20.09 -18.25 -26.71
C PHE D 292 -19.00 -19.26 -26.40
N ALA D 293 -17.74 -18.84 -26.42
CA ALA D 293 -16.67 -19.73 -26.01
C ALA D 293 -15.62 -18.88 -25.30
N VAL D 294 -15.01 -19.48 -24.26
CA VAL D 294 -14.04 -18.80 -23.34
C VAL D 294 -12.80 -19.64 -23.04
N GLY D 295 -11.70 -18.94 -22.71
CA GLY D 295 -10.51 -19.61 -22.26
C GLY D 295 -9.65 -20.28 -23.35
N ASP D 296 -8.97 -21.35 -22.96
CA ASP D 296 -8.03 -22.05 -23.80
C ASP D 296 -8.57 -22.62 -25.11
N VAL D 297 -9.86 -22.94 -25.15
CA VAL D 297 -10.46 -23.56 -26.35
C VAL D 297 -10.55 -22.58 -27.51
N ARG D 298 -10.51 -21.28 -27.19
CA ARG D 298 -10.57 -20.23 -28.20
C ARG D 298 -9.32 -20.17 -29.08
N GLN D 299 -9.48 -19.66 -30.30
CA GLN D 299 -8.35 -19.21 -31.06
C GLN D 299 -7.85 -17.93 -30.41
N LYS D 300 -6.64 -17.95 -29.83
CA LYS D 300 -6.02 -16.78 -29.19
C LYS D 300 -4.57 -17.09 -28.89
N ASP D 301 -3.81 -16.14 -28.36
CA ASP D 301 -2.35 -16.39 -28.26
C ASP D 301 -1.74 -16.49 -26.89
N PHE D 302 -2.52 -16.18 -25.86
CA PHE D 302 -2.06 -16.19 -24.49
C PHE D 302 -2.97 -17.00 -23.53
N ARG D 303 -2.59 -18.23 -23.24
CA ARG D 303 -3.41 -19.11 -22.44
C ARG D 303 -2.91 -19.14 -20.99
N GLN D 304 -3.69 -18.52 -20.15
CA GLN D 304 -3.38 -18.45 -18.75
C GLN D 304 -4.65 -18.60 -17.99
N ILE D 305 -4.54 -18.73 -16.68
CA ILE D 305 -5.71 -18.69 -15.83
C ILE D 305 -6.33 -17.27 -15.84
N THR D 306 -5.49 -16.25 -15.79
CA THR D 306 -5.95 -14.87 -15.80
C THR D 306 -6.87 -14.48 -16.94
N THR D 307 -6.46 -14.81 -18.17
CA THR D 307 -7.23 -14.59 -19.35
C THR D 307 -8.36 -15.63 -19.43
N ALA D 308 -8.24 -16.81 -18.80
CA ALA D 308 -9.42 -17.70 -18.76
C ALA D 308 -10.54 -17.08 -17.94
N VAL D 309 -10.14 -16.47 -16.81
CA VAL D 309 -11.03 -15.85 -15.88
C VAL D 309 -11.68 -14.65 -16.49
N GLY D 310 -10.93 -13.87 -17.26
CA GLY D 310 -11.43 -12.70 -17.95
C GLY D 310 -12.46 -13.06 -18.99
N ASP D 311 -12.08 -14.03 -19.80
CA ASP D 311 -12.94 -14.55 -20.83
C ASP D 311 -14.23 -14.96 -20.21
N GLY D 312 -14.19 -15.72 -19.11
CA GLY D 312 -15.38 -16.33 -18.58
C GLY D 312 -16.34 -15.29 -18.08
N ALA D 313 -15.84 -14.25 -17.43
CA ALA D 313 -16.67 -13.19 -16.89
C ALA D 313 -17.37 -12.42 -18.01
N GLN D 314 -16.60 -12.07 -19.02
CA GLN D 314 -17.13 -11.41 -20.23
C GLN D 314 -18.26 -12.19 -20.91
N ALA D 315 -18.06 -13.51 -21.11
CA ALA D 315 -19.11 -14.34 -21.71
C ALA D 315 -20.40 -14.38 -20.91
N ALA D 316 -20.28 -14.40 -19.60
CA ALA D 316 -21.43 -14.50 -18.70
C ALA D 316 -22.26 -13.23 -18.90
N GLN D 317 -21.57 -12.09 -19.02
CA GLN D 317 -22.27 -10.82 -19.26
C GLN D 317 -22.96 -10.80 -20.64
N GLU D 318 -22.27 -11.31 -21.64
CA GLU D 318 -22.89 -11.47 -22.94
C GLU D 318 -24.04 -12.44 -22.94
N ALA D 319 -23.92 -13.55 -22.23
CA ALA D 319 -25.00 -14.54 -22.22
C ALA D 319 -26.24 -13.92 -21.60
N TYR D 320 -26.05 -13.21 -20.48
CA TYR D 320 -27.13 -12.50 -19.82
C TYR D 320 -27.84 -11.60 -20.82
N LYS D 321 -27.04 -10.81 -21.55
CA LYS D 321 -27.58 -9.86 -22.51
C LYS D 321 -28.34 -10.55 -23.62
N PHE D 322 -27.75 -11.59 -24.21
CA PHE D 322 -28.49 -12.42 -25.16
C PHE D 322 -29.78 -13.01 -24.61
N VAL D 323 -29.78 -13.53 -23.39
CA VAL D 323 -30.99 -14.17 -22.82
C VAL D 323 -32.09 -13.12 -22.53
N VAL D 324 -31.67 -11.95 -22.09
CA VAL D 324 -32.57 -10.84 -21.90
C VAL D 324 -33.33 -10.37 -23.17
N GLU D 325 -32.68 -10.26 -24.33
CA GLU D 325 -33.38 -9.84 -25.55
C GLU D 325 -34.05 -10.99 -26.33
#